data_9DK3
#
_entry.id   9DK3
#
_cell.length_a   58.175
_cell.length_b   91.583
_cell.length_c   151.372
_cell.angle_alpha   90.000
_cell.angle_beta   90.000
_cell.angle_gamma   90.000
#
_symmetry.space_group_name_H-M   'P 21 21 21'
#
loop_
_entity.id
_entity.type
_entity.pdbx_description
1 polymer Kinase
2 polymer Lyase
3 non-polymer "ADENOSINE-5'-DIPHOSPHATE"
4 non-polymer 'PHOSPHATE ION'
5 non-polymer 'MAGNESIUM ION'
6 non-polymer 'ACETIC ACID'
7 non-polymer GLYCEROL
8 non-polymer DI(HYDROXYETHYL)ETHER
9 non-polymer 'SODIUM ION'
10 water water
#
loop_
_entity_poly.entity_id
_entity_poly.type
_entity_poly.pdbx_seq_one_letter_code
_entity_poly.pdbx_strand_id
1 'polypeptide(L)'
;GAMTTTTAERPRTRQRYRPTELDTVPAVNALLLRLGLGRLDAAATTAFGGRNDNWAGPTTTGEQVFVKTVTPLPDGTGCP
ELDRSLSFEDLAARLTPASPLRSPGLLGADPAAGVMVHRLVPGARSGAELALDGDFDDDLCRSAGRAVGTLHGLGPVDGL
DTGEAPLPPLSWLKALPWSAVQERSMAQIAAWQLVQDDTEVVDALHRLRDLERTVPLAPAHCDLRFDQFIRADEGAGELY
LVDWEEFRLADPARDVGAFAGEWLFHATYSVFAPTEAGAGRPEESTAGFGLTHEEIVARGSASLRRHLPRIAAFWQGYLE
CRPQALALDAGLPERAAAYAGWHMYDRLIATAESHATLNPVARAAAGIGRTVLLGPSAAARTLGLSAERTPYTPHATNGS
DHR
;
A
2 'polypeptide(L)'
;GAMTTALLNSPVPDASPVARHRGLAPRLAEALDAVSVAPGARRASVAGRTVTADSPRDLRGRLTNALYEELHAGRHRGGA
VPDGPPPRRTLRDPALEARLAAAVPHRTTPTRGRLVEVLRRPDGDQLVVRLPEVTARVPADRLLSPSVPPAPGETVELAL
EAARPALSPGFFYVMGSRPLPRPAGAVRRIFLHARDADAAVVLWGAALGALEEAAALYHAKVLSDPQDFPRRDAVVLYLH
GDHRPGERAVTEAVSRYAGTLTGPDTSVFTEELAPGVAAAWDPQDPRPGQSGMSFGQHRAFALASGLIDCALADGSEASD
ASGASGASEATEAADAPRPSDAPVGPGRAEHVVRALREAGIDPLHPQNNLDPSPGAAR
;
B
#
# COMPACT_ATOMS: atom_id res chain seq x y z
N VAL A 25 6.69 2.49 -27.91
CA VAL A 25 5.74 2.82 -29.01
C VAL A 25 6.32 2.27 -30.33
N PRO A 26 7.58 2.57 -30.72
CA PRO A 26 8.15 2.10 -31.99
C PRO A 26 8.04 0.58 -32.24
N ALA A 27 8.52 -0.22 -31.29
CA ALA A 27 8.43 -1.67 -31.30
C ALA A 27 6.99 -2.19 -31.42
N VAL A 28 6.03 -1.54 -30.77
CA VAL A 28 4.62 -1.87 -30.92
C VAL A 28 4.18 -1.61 -32.36
N ASN A 29 4.42 -0.40 -32.88
CA ASN A 29 3.96 -0.08 -34.23
C ASN A 29 4.57 -1.01 -35.27
N ALA A 30 5.86 -1.29 -35.11
CA ALA A 30 6.58 -2.20 -35.97
C ALA A 30 5.84 -3.55 -36.04
N LEU A 31 5.35 -4.04 -34.89
CA LEU A 31 4.64 -5.32 -34.86
C LEU A 31 3.23 -5.16 -35.47
N LEU A 32 2.54 -4.08 -35.16
CA LEU A 32 1.22 -3.89 -35.76
C LEU A 32 1.32 -3.80 -37.29
N LEU A 33 2.37 -3.14 -37.78
CA LEU A 33 2.57 -2.94 -39.21
C LEU A 33 2.73 -4.29 -39.90
N ARG A 34 3.68 -5.10 -39.40
CA ARG A 34 3.99 -6.41 -39.90
C ARG A 34 2.83 -7.41 -39.80
N LEU A 35 1.86 -7.22 -38.89
CA LEU A 35 0.70 -8.11 -38.77
C LEU A 35 -0.47 -7.70 -39.67
N GLY A 36 -0.31 -6.56 -40.35
CA GLY A 36 -1.37 -6.01 -41.18
C GLY A 36 -2.37 -5.20 -40.38
N LEU A 37 -2.00 -4.69 -39.19
CA LEU A 37 -2.96 -3.97 -38.35
C LEU A 37 -2.81 -2.46 -38.47
N GLY A 38 -1.92 -1.96 -39.35
CA GLY A 38 -1.66 -0.53 -39.39
C GLY A 38 -0.93 -0.03 -38.13
N ARG A 39 -1.51 0.96 -37.45
CA ARG A 39 -0.87 1.58 -36.31
C ARG A 39 -1.86 1.75 -35.16
N LEU A 40 -1.37 2.12 -33.99
CA LEU A 40 -2.32 2.41 -32.89
C LEU A 40 -2.95 3.79 -33.14
N ASP A 41 -4.28 3.88 -33.16
CA ASP A 41 -5.00 5.16 -33.40
C ASP A 41 -4.93 6.03 -32.15
N ALA A 42 -3.90 6.86 -32.04
CA ALA A 42 -3.68 7.64 -30.79
C ALA A 42 -4.96 8.33 -30.33
N ALA A 43 -5.83 8.68 -31.26
CA ALA A 43 -7.05 9.42 -30.89
C ALA A 43 -7.98 8.55 -30.06
N ALA A 44 -7.81 7.23 -30.14
CA ALA A 44 -8.78 6.34 -29.45
C ALA A 44 -8.06 5.29 -28.61
N THR A 45 -6.76 5.43 -28.43
CA THR A 45 -6.03 4.49 -27.56
C THR A 45 -6.20 4.90 -26.11
N THR A 46 -5.88 4.03 -25.16
CA THR A 46 -6.08 4.25 -23.74
C THR A 46 -5.25 3.22 -22.98
N ALA A 47 -4.57 3.64 -21.90
CA ALA A 47 -3.74 2.73 -21.11
C ALA A 47 -4.61 1.91 -20.14
N PHE A 48 -4.32 0.61 -20.03
CA PHE A 48 -4.93 -0.29 -19.04
C PHE A 48 -3.88 -0.61 -17.97
N GLY A 49 -4.28 -1.35 -16.92
CA GLY A 49 -3.54 -1.45 -15.67
C GLY A 49 -2.46 -2.54 -15.67
N GLY A 50 -2.02 -2.95 -14.46
CA GLY A 50 -1.01 -3.99 -14.25
C GLY A 50 0.42 -3.42 -14.19
N ARG A 51 1.41 -4.23 -13.88
CA ARG A 51 2.81 -3.76 -13.69
C ARG A 51 3.52 -3.54 -15.02
N ASN A 52 2.81 -3.75 -16.14
CA ASN A 52 3.35 -3.62 -17.48
C ASN A 52 2.67 -2.44 -18.19
N ASP A 53 3.35 -1.91 -19.21
CA ASP A 53 2.72 -0.85 -20.04
C ASP A 53 1.80 -1.54 -21.06
N ASN A 54 0.53 -1.16 -21.04
CA ASN A 54 -0.45 -1.83 -21.93
C ASN A 54 -1.24 -0.77 -22.69
N TRP A 55 -1.64 -1.11 -23.90
CA TRP A 55 -2.49 -0.19 -24.70
C TRP A 55 -3.68 -0.97 -25.23
N ALA A 56 -4.85 -0.34 -25.27
CA ALA A 56 -6.00 -0.97 -25.89
C ALA A 56 -6.71 0.06 -26.74
N GLY A 57 -7.36 -0.42 -27.80
CA GLY A 57 -8.23 0.44 -28.58
C GLY A 57 -8.17 0.12 -30.06
N PRO A 58 -8.69 1.00 -30.93
CA PRO A 58 -8.77 0.71 -32.36
C PRO A 58 -7.44 1.02 -33.03
N THR A 59 -7.18 0.26 -34.08
CA THR A 59 -5.97 0.49 -34.89
C THR A 59 -6.42 1.27 -36.13
N THR A 60 -5.64 1.79 -36.94
CA THR A 60 -6.06 2.58 -38.13
C THR A 60 -6.81 1.70 -39.12
N THR A 61 -6.64 0.33 -38.98
CA THR A 61 -7.42 -0.58 -39.85
C THR A 61 -8.78 -0.88 -39.23
N GLY A 62 -9.14 -0.21 -38.14
CA GLY A 62 -10.39 -0.52 -37.45
C GLY A 62 -10.41 -1.76 -36.53
N GLU A 63 -9.45 -2.51 -36.39
CA GLU A 63 -9.44 -3.72 -35.53
C GLU A 63 -9.17 -3.30 -34.08
N GLN A 64 -9.84 -3.95 -33.13
CA GLN A 64 -9.68 -3.62 -31.70
C GLN A 64 -8.64 -4.55 -31.11
N VAL A 65 -7.62 -4.01 -30.47
CA VAL A 65 -6.48 -4.80 -30.03
C VAL A 65 -6.16 -4.48 -28.57
N PHE A 66 -5.56 -5.46 -27.92
CA PHE A 66 -4.97 -5.26 -26.60
C PHE A 66 -3.47 -5.51 -26.72
N VAL A 67 -2.65 -4.48 -26.44
CA VAL A 67 -1.21 -4.60 -26.58
C VAL A 67 -0.54 -4.57 -25.21
N LYS A 68 0.31 -5.57 -24.98
CA LYS A 68 1.08 -5.65 -23.73
C LYS A 68 2.57 -5.60 -24.04
N THR A 69 3.32 -4.84 -23.25
CA THR A 69 4.79 -4.76 -23.41
C THR A 69 5.42 -5.22 -22.10
N VAL A 70 6.42 -6.08 -22.18
CA VAL A 70 7.13 -6.55 -20.97
C VAL A 70 8.61 -6.24 -21.16
N THR A 71 9.25 -5.67 -20.13
CA THR A 71 10.66 -5.34 -20.17
C THR A 71 11.48 -6.60 -20.39
N PRO A 72 12.19 -6.74 -21.55
CA PRO A 72 13.09 -7.88 -21.78
C PRO A 72 14.21 -8.03 -20.74
N LEU A 73 14.72 -9.26 -20.65
CA LEU A 73 15.98 -9.52 -19.97
C LEU A 73 17.07 -8.68 -20.66
N PRO A 74 17.92 -8.01 -19.85
CA PRO A 74 19.12 -7.34 -20.35
C PRO A 74 20.00 -8.34 -21.11
N GLY A 78 15.62 -12.95 -24.06
CA GLY A 78 14.46 -12.04 -24.17
C GLY A 78 13.61 -12.01 -22.90
N CYS A 79 12.45 -12.66 -22.95
CA CYS A 79 11.34 -12.31 -22.07
C CYS A 79 10.58 -13.54 -21.56
N PRO A 80 10.99 -14.16 -20.42
CA PRO A 80 10.38 -15.41 -19.95
C PRO A 80 8.86 -15.33 -19.68
N GLU A 81 8.37 -14.13 -19.42
CA GLU A 81 6.93 -13.92 -19.14
C GLU A 81 6.11 -14.03 -20.42
N LEU A 82 6.57 -13.63 -21.53
CA LEU A 82 5.83 -13.73 -22.80
C LEU A 82 5.94 -15.15 -23.33
N ASP A 83 7.14 -15.78 -23.12
CA ASP A 83 7.29 -17.20 -23.54
C ASP A 83 6.27 -18.02 -22.75
N ARG A 84 6.01 -17.76 -21.55
CA ARG A 84 5.02 -18.52 -20.75
C ARG A 84 3.62 -18.14 -21.20
N SER A 85 3.40 -16.87 -21.51
CA SER A 85 2.08 -16.39 -21.99
C SER A 85 1.77 -17.06 -23.34
N LEU A 86 2.78 -17.19 -24.19
CA LEU A 86 2.59 -17.80 -25.54
C LEU A 86 2.39 -19.30 -25.38
N SER A 87 3.14 -19.94 -24.48
CA SER A 87 2.90 -21.36 -24.20
C SER A 87 1.44 -21.59 -23.83
N PHE A 88 0.79 -20.65 -23.15
CA PHE A 88 -0.64 -20.79 -22.95
C PHE A 88 -1.42 -20.66 -24.26
N GLU A 89 -1.05 -19.67 -25.10
CA GLU A 89 -1.83 -19.41 -26.31
C GLU A 89 -1.75 -20.63 -27.25
N ASP A 90 -0.60 -21.28 -27.28
CA ASP A 90 -0.47 -22.52 -28.03
C ASP A 90 -1.39 -23.64 -27.56
N LEU A 91 -1.53 -23.84 -26.23
CA LEU A 91 -2.47 -24.82 -25.70
C LEU A 91 -3.89 -24.40 -26.00
N ALA A 92 -4.19 -23.11 -25.85
CA ALA A 92 -5.56 -22.63 -25.96
C ALA A 92 -6.10 -22.64 -27.40
N ALA A 93 -5.22 -22.64 -28.39
CA ALA A 93 -5.70 -22.58 -29.79
C ALA A 93 -6.30 -23.93 -30.16
N ARG A 94 -5.83 -25.00 -29.53
CA ARG A 94 -6.34 -26.36 -29.77
C ARG A 94 -7.50 -26.66 -28.83
N LEU A 95 -8.45 -25.74 -28.67
CA LEU A 95 -9.58 -25.93 -27.72
C LEU A 95 -10.89 -25.60 -28.41
N THR A 96 -11.94 -26.34 -28.08
CA THR A 96 -13.28 -26.14 -28.70
C THR A 96 -13.85 -24.80 -28.26
N PRO A 97 -14.84 -24.23 -28.97
CA PRO A 97 -15.34 -22.91 -28.64
C PRO A 97 -16.33 -23.03 -27.47
N ALA A 98 -16.57 -24.26 -27.03
CA ALA A 98 -17.50 -24.48 -25.90
C ALA A 98 -16.73 -24.54 -24.58
N SER A 99 -15.39 -24.55 -24.67
CA SER A 99 -14.56 -24.64 -23.44
C SER A 99 -14.90 -23.50 -22.50
N PRO A 100 -15.10 -23.75 -21.20
CA PRO A 100 -15.33 -22.68 -20.24
C PRO A 100 -14.04 -21.85 -20.20
N LEU A 101 -12.95 -22.40 -20.73
CA LEU A 101 -11.66 -21.71 -20.83
C LEU A 101 -11.43 -21.19 -22.24
N ARG A 102 -11.29 -19.85 -22.36
CA ARG A 102 -11.20 -19.11 -23.62
C ARG A 102 -10.01 -18.13 -23.61
N SER A 103 -9.34 -17.98 -24.75
CA SER A 103 -8.41 -16.87 -24.99
C SER A 103 -9.18 -15.79 -25.73
N PRO A 104 -8.94 -14.50 -25.44
CA PRO A 104 -9.30 -13.43 -26.40
C PRO A 104 -8.87 -13.65 -27.87
N GLY A 105 -7.71 -14.29 -28.04
CA GLY A 105 -7.16 -14.54 -29.36
C GLY A 105 -5.86 -13.75 -29.53
N LEU A 106 -4.75 -14.49 -29.69
CA LEU A 106 -3.43 -13.95 -29.93
C LEU A 106 -3.29 -13.60 -31.41
N LEU A 107 -2.86 -12.36 -31.67
CA LEU A 107 -2.79 -11.80 -33.01
C LEU A 107 -1.34 -11.83 -33.47
N GLY A 108 -0.39 -11.62 -32.55
CA GLY A 108 1.01 -11.81 -32.87
C GLY A 108 1.86 -11.48 -31.67
N ALA A 109 3.16 -11.63 -31.84
CA ALA A 109 4.07 -11.33 -30.75
C ALA A 109 5.49 -11.10 -31.26
N ASP A 110 6.25 -10.27 -30.54
CA ASP A 110 7.67 -10.12 -30.79
C ASP A 110 8.37 -10.30 -29.45
N PRO A 111 8.74 -11.56 -29.05
CA PRO A 111 9.27 -11.84 -27.70
C PRO A 111 10.60 -11.16 -27.38
N ALA A 112 11.45 -10.98 -28.39
CA ALA A 112 12.68 -10.21 -28.29
C ALA A 112 12.44 -8.79 -27.80
N ALA A 113 11.43 -8.11 -28.36
CA ALA A 113 11.16 -6.71 -28.07
C ALA A 113 10.18 -6.55 -26.90
N GLY A 114 9.65 -7.66 -26.40
CA GLY A 114 8.72 -7.64 -25.27
C GLY A 114 7.31 -7.22 -25.64
N VAL A 115 6.83 -7.64 -26.80
CA VAL A 115 5.50 -7.14 -27.23
C VAL A 115 4.56 -8.26 -27.61
N MET A 116 3.33 -8.18 -27.11
CA MET A 116 2.29 -9.12 -27.48
C MET A 116 1.06 -8.34 -27.88
N VAL A 117 0.28 -8.90 -28.79
CA VAL A 117 -0.96 -8.29 -29.23
C VAL A 117 -2.04 -9.35 -29.24
N HIS A 118 -3.20 -9.01 -28.66
CA HIS A 118 -4.36 -9.86 -28.59
C HIS A 118 -5.57 -9.08 -29.11
N ARG A 119 -6.60 -9.83 -29.49
CA ARG A 119 -7.93 -9.32 -29.75
CA ARG A 119 -7.91 -9.27 -29.76
C ARG A 119 -8.41 -8.61 -28.48
N LEU A 120 -8.98 -7.40 -28.62
CA LEU A 120 -9.66 -6.73 -27.52
C LEU A 120 -10.99 -7.42 -27.28
N VAL A 121 -11.34 -7.60 -25.98
CA VAL A 121 -12.69 -8.01 -25.59
C VAL A 121 -13.51 -6.73 -25.45
N PRO A 122 -14.56 -6.52 -26.30
CA PRO A 122 -15.32 -5.27 -26.31
C PRO A 122 -16.08 -5.05 -25.00
N GLY A 123 -15.89 -3.86 -24.39
CA GLY A 123 -16.58 -3.43 -23.16
C GLY A 123 -16.24 -4.32 -21.96
N ALA A 124 -14.93 -4.60 -21.84
CA ALA A 124 -14.38 -5.53 -20.87
C ALA A 124 -14.63 -4.97 -19.48
N ARG A 125 -15.21 -5.78 -18.59
CA ARG A 125 -15.24 -5.46 -17.16
C ARG A 125 -14.39 -6.49 -16.39
N SER A 126 -13.46 -6.04 -15.54
CA SER A 126 -12.59 -7.00 -14.86
C SER A 126 -13.33 -7.65 -13.71
N GLY A 127 -12.90 -8.83 -13.26
CA GLY A 127 -13.50 -9.47 -12.10
C GLY A 127 -13.40 -8.62 -10.81
N ALA A 128 -12.43 -7.70 -10.74
CA ALA A 128 -12.25 -6.87 -9.56
C ALA A 128 -13.40 -5.87 -9.50
N GLU A 129 -13.76 -5.29 -10.66
CA GLU A 129 -14.86 -4.33 -10.78
C GLU A 129 -16.19 -5.01 -10.46
N LEU A 130 -16.36 -6.22 -11.00
CA LEU A 130 -17.57 -6.98 -10.82
C LEU A 130 -17.76 -7.25 -9.33
N ALA A 131 -16.69 -7.66 -8.64
CA ALA A 131 -16.78 -8.01 -7.23
C ALA A 131 -17.12 -6.78 -6.37
N LEU A 132 -16.55 -5.62 -6.72
CA LEU A 132 -16.85 -4.37 -6.05
C LEU A 132 -18.30 -3.98 -6.29
N ASP A 133 -18.77 -4.13 -7.52
CA ASP A 133 -20.12 -3.75 -7.90
C ASP A 133 -21.14 -4.74 -7.32
N GLY A 134 -20.70 -5.95 -7.00
CA GLY A 134 -21.60 -6.99 -6.48
C GLY A 134 -22.04 -7.95 -7.56
N ASP A 135 -21.30 -8.00 -8.67
CA ASP A 135 -21.74 -8.83 -9.82
C ASP A 135 -20.94 -10.13 -9.98
N PHE A 136 -19.92 -10.42 -9.38
CA PHE A 136 -19.24 -11.73 -9.47
C PHE A 136 -20.08 -12.65 -8.60
N ASP A 137 -21.08 -13.17 -9.06
CA ASP A 137 -22.05 -14.00 -8.31
C ASP A 137 -21.65 -15.46 -8.27
N ASP A 138 -22.44 -16.24 -7.55
CA ASP A 138 -22.18 -17.67 -7.41
C ASP A 138 -22.00 -18.30 -8.78
N ASP A 139 -22.82 -17.90 -9.77
CA ASP A 139 -22.81 -18.56 -11.07
C ASP A 139 -21.55 -18.16 -11.84
N LEU A 140 -21.09 -16.91 -11.69
CA LEU A 140 -19.81 -16.52 -12.34
C LEU A 140 -18.67 -17.27 -11.66
N CYS A 141 -18.78 -17.48 -10.35
CA CYS A 141 -17.71 -18.19 -9.61
C CYS A 141 -17.63 -19.63 -10.16
N ARG A 142 -18.77 -20.23 -10.47
CA ARG A 142 -18.82 -21.62 -11.00
C ARG A 142 -18.17 -21.68 -12.39
N SER A 143 -18.46 -20.69 -13.23
CA SER A 143 -17.85 -20.64 -14.57
C SER A 143 -16.34 -20.49 -14.42
N ALA A 144 -15.90 -19.70 -13.44
CA ALA A 144 -14.46 -19.51 -13.18
C ALA A 144 -13.84 -20.83 -12.74
N GLY A 145 -14.53 -21.57 -11.89
CA GLY A 145 -14.03 -22.88 -11.47
C GLY A 145 -13.94 -23.84 -12.63
N ARG A 146 -14.89 -23.74 -13.54
CA ARG A 146 -14.91 -24.63 -14.72
C ARG A 146 -13.71 -24.28 -15.59
N ALA A 147 -13.45 -22.98 -15.76
CA ALA A 147 -12.33 -22.55 -16.57
C ALA A 147 -11.04 -23.07 -15.94
N VAL A 148 -10.87 -22.91 -14.63
CA VAL A 148 -9.63 -23.31 -13.99
C VAL A 148 -9.53 -24.84 -13.93
N GLY A 149 -10.65 -25.53 -13.65
CA GLY A 149 -10.66 -26.98 -13.71
C GLY A 149 -10.31 -27.49 -15.11
N THR A 150 -10.82 -26.80 -16.14
CA THR A 150 -10.47 -27.14 -17.52
C THR A 150 -8.97 -26.94 -17.72
N LEU A 151 -8.45 -25.77 -17.32
CA LEU A 151 -7.02 -25.52 -17.41
C LEU A 151 -6.24 -26.69 -16.85
N HIS A 152 -6.57 -27.11 -15.63
CA HIS A 152 -5.73 -28.06 -14.91
C HIS A 152 -5.77 -29.49 -15.50
N GLY A 153 -6.80 -29.81 -16.29
CA GLY A 153 -6.89 -31.06 -17.04
C GLY A 153 -5.90 -31.14 -18.20
N LEU A 154 -6.06 -30.25 -19.21
CA LEU A 154 -5.13 -30.18 -20.34
C LEU A 154 -3.94 -31.12 -20.15
N VAL A 157 1.51 -31.17 -21.94
CA VAL A 157 2.15 -30.31 -20.91
C VAL A 157 3.62 -30.13 -21.27
N ASP A 158 4.03 -30.66 -22.43
CA ASP A 158 5.43 -30.45 -22.87
C ASP A 158 5.57 -29.00 -23.31
N GLY A 159 6.71 -28.37 -23.02
CA GLY A 159 6.91 -26.97 -23.35
C GLY A 159 6.26 -25.98 -22.36
N LEU A 160 5.92 -26.46 -21.15
CA LEU A 160 5.54 -25.63 -20.03
C LEU A 160 6.76 -25.44 -19.17
N ASP A 161 6.99 -24.20 -18.76
CA ASP A 161 8.00 -23.88 -17.76
C ASP A 161 7.72 -24.74 -16.52
N THR A 162 8.75 -25.44 -16.08
CA THR A 162 8.67 -26.29 -14.90
C THR A 162 9.42 -25.64 -13.74
N GLY A 163 9.91 -24.44 -13.98
CA GLY A 163 10.56 -23.69 -12.90
C GLY A 163 9.52 -23.32 -11.86
N GLU A 164 9.98 -23.08 -10.66
CA GLU A 164 8.99 -22.84 -9.58
C GLU A 164 8.60 -21.37 -9.59
N ALA A 165 7.32 -21.14 -9.33
CA ALA A 165 6.82 -19.77 -9.24
C ALA A 165 7.38 -19.14 -7.97
N PRO A 166 7.82 -17.88 -8.02
CA PRO A 166 8.36 -17.21 -6.85
C PRO A 166 7.30 -16.70 -5.88
N LEU A 167 6.23 -17.46 -5.68
CA LEU A 167 5.16 -17.09 -4.72
C LEU A 167 4.72 -18.33 -3.95
N PRO A 168 4.70 -18.31 -2.61
CA PRO A 168 5.32 -17.24 -1.82
C PRO A 168 6.81 -16.95 -2.07
N PRO A 169 7.27 -15.69 -1.90
CA PRO A 169 8.68 -15.31 -2.10
C PRO A 169 9.55 -15.73 -0.91
N LEU A 170 10.14 -16.91 -0.94
CA LEU A 170 10.85 -17.46 0.25
C LEU A 170 12.15 -16.71 0.55
N SER A 171 12.90 -16.27 -0.45
CA SER A 171 14.10 -15.48 -0.14
C SER A 171 13.72 -14.15 0.53
N TRP A 172 12.57 -13.54 0.18
CA TRP A 172 12.18 -12.28 0.80
C TRP A 172 11.76 -12.41 2.25
N LEU A 173 11.31 -13.62 2.62
CA LEU A 173 10.89 -13.94 3.96
C LEU A 173 12.09 -14.09 4.90
N LYS A 174 13.27 -14.34 4.32
CA LYS A 174 14.50 -14.33 5.10
C LYS A 174 15.16 -12.94 5.03
N ALA A 175 15.09 -12.25 3.86
CA ALA A 175 15.71 -10.94 3.68
C ALA A 175 15.24 -10.24 2.39
N LEU A 176 14.61 -9.06 2.52
CA LEU A 176 14.24 -8.27 1.36
C LEU A 176 15.51 -7.74 0.70
N PRO A 177 15.67 -7.82 -0.64
CA PRO A 177 16.80 -7.21 -1.33
C PRO A 177 16.67 -5.70 -1.10
N TRP A 178 17.80 -5.02 -0.87
CA TRP A 178 17.84 -3.60 -0.59
C TRP A 178 17.15 -2.79 -1.70
N SER A 179 17.26 -3.23 -2.96
CA SER A 179 16.60 -2.52 -4.06
C SER A 179 15.07 -2.62 -3.93
N ALA A 180 14.56 -3.71 -3.36
CA ALA A 180 13.13 -3.88 -3.10
C ALA A 180 12.63 -2.95 -1.98
N VAL A 181 13.45 -2.74 -0.93
CA VAL A 181 13.11 -1.84 0.17
C VAL A 181 13.01 -0.38 -0.30
N GLN A 182 13.84 0.03 -1.29
CA GLN A 182 13.81 1.40 -1.76
C GLN A 182 12.61 1.65 -2.67
N GLU A 183 11.81 0.63 -2.98
CA GLU A 183 10.64 0.80 -3.85
C GLU A 183 9.35 0.48 -3.09
N ARG A 184 9.42 0.38 -1.76
CA ARG A 184 8.26 0.00 -0.98
C ARG A 184 7.85 1.14 -0.03
N SER A 185 6.60 1.06 0.39
CA SER A 185 6.05 2.02 1.35
C SER A 185 6.41 1.61 2.76
N MET A 186 6.28 2.53 3.70
CA MET A 186 6.58 2.23 5.11
C MET A 186 5.70 1.10 5.62
N ALA A 187 4.46 1.06 5.14
CA ALA A 187 3.51 0.02 5.58
C ALA A 187 3.84 -1.32 4.92
N GLN A 188 4.24 -1.30 3.66
CA GLN A 188 4.67 -2.55 3.04
C GLN A 188 5.89 -3.12 3.76
N ILE A 189 6.83 -2.25 4.11
CA ILE A 189 8.01 -2.68 4.84
C ILE A 189 7.62 -3.26 6.20
N ALA A 190 6.71 -2.58 6.92
CA ALA A 190 6.24 -3.04 8.23
C ALA A 190 5.54 -4.40 8.13
N ALA A 191 4.72 -4.60 7.08
CA ALA A 191 4.06 -5.87 6.77
C ALA A 191 5.09 -6.96 6.44
N TRP A 192 6.08 -6.67 5.57
CA TRP A 192 7.18 -7.60 5.38
C TRP A 192 7.82 -8.03 6.71
N GLN A 193 8.11 -7.04 7.56
CA GLN A 193 8.78 -7.34 8.82
C GLN A 193 7.95 -8.27 9.72
N LEU A 194 6.64 -8.03 9.81
CA LEU A 194 5.76 -8.90 10.58
C LEU A 194 5.83 -10.32 10.04
N VAL A 195 5.82 -10.47 8.70
CA VAL A 195 5.94 -11.81 8.15
C VAL A 195 7.32 -12.40 8.47
N GLN A 196 8.37 -11.61 8.29
CA GLN A 196 9.73 -12.14 8.41
C GLN A 196 9.95 -12.67 9.83
N ASP A 197 9.35 -12.02 10.84
CA ASP A 197 9.61 -12.34 12.24
C ASP A 197 8.60 -13.36 12.78
N ASP A 198 7.68 -13.78 11.99
CA ASP A 198 6.69 -14.82 12.36
C ASP A 198 7.29 -16.15 11.91
N THR A 199 7.94 -16.82 12.77
CA THR A 199 8.68 -18.04 12.43
C THR A 199 7.70 -19.11 11.97
N GLU A 200 6.53 -19.19 12.58
CA GLU A 200 5.60 -20.25 12.25
C GLU A 200 5.07 -20.09 10.83
N VAL A 201 4.75 -18.85 10.44
CA VAL A 201 4.31 -18.50 9.10
C VAL A 201 5.41 -18.81 8.06
N VAL A 202 6.64 -18.34 8.30
CA VAL A 202 7.75 -18.58 7.40
C VAL A 202 8.00 -20.07 7.21
N ASP A 203 7.90 -20.86 8.30
CA ASP A 203 8.14 -22.30 8.21
C ASP A 203 7.02 -22.98 7.42
N ALA A 204 5.76 -22.63 7.71
CA ALA A 204 4.63 -23.10 6.92
C ALA A 204 4.79 -22.75 5.43
N LEU A 205 5.28 -21.56 5.07
CA LEU A 205 5.37 -21.22 3.64
C LEU A 205 6.44 -22.09 2.98
N HIS A 206 7.59 -22.32 3.67
CA HIS A 206 8.59 -23.27 3.22
C HIS A 206 8.01 -24.68 3.02
N ARG A 207 7.25 -25.19 3.97
CA ARG A 207 6.63 -26.50 3.79
C ARG A 207 5.74 -26.46 2.56
N LEU A 208 5.00 -25.36 2.34
CA LEU A 208 4.00 -25.35 1.27
C LEU A 208 4.65 -25.46 -0.11
N ARG A 209 5.77 -24.77 -0.35
CA ARG A 209 6.53 -24.80 -1.58
C ARG A 209 7.28 -26.14 -1.82
N ASP A 210 7.87 -26.69 -0.75
CA ASP A 210 8.43 -28.03 -0.70
C ASP A 210 7.48 -29.11 -1.17
N LEU A 211 6.20 -29.03 -0.82
CA LEU A 211 5.19 -30.01 -1.23
C LEU A 211 4.89 -30.00 -2.73
N GLU A 212 5.19 -28.88 -3.42
CA GLU A 212 4.91 -28.79 -4.86
C GLU A 212 5.64 -29.87 -5.67
N ARG A 213 6.80 -30.27 -5.30
CA ARG A 213 7.56 -31.34 -6.00
C ARG A 213 7.12 -32.72 -5.52
N THR A 214 6.03 -32.81 -4.75
CA THR A 214 5.58 -34.09 -4.21
C THR A 214 4.15 -34.35 -4.66
N VAL A 215 3.61 -33.53 -5.56
CA VAL A 215 2.23 -33.71 -6.00
C VAL A 215 2.20 -33.75 -7.52
N PRO A 216 1.14 -34.39 -8.09
CA PRO A 216 0.81 -34.25 -9.51
C PRO A 216 0.53 -32.81 -9.87
N LEU A 217 1.37 -32.34 -10.81
CA LEU A 217 1.37 -30.97 -11.28
C LEU A 217 0.37 -30.82 -12.41
N ALA A 218 0.06 -29.58 -12.74
CA ALA A 218 -0.90 -29.31 -13.78
C ALA A 218 -0.56 -27.96 -14.38
N PRO A 219 -1.10 -27.67 -15.58
CA PRO A 219 -0.93 -26.36 -16.18
C PRO A 219 -1.61 -25.37 -15.23
N ALA A 220 -0.86 -24.37 -14.76
CA ALA A 220 -1.40 -23.45 -13.75
C ALA A 220 -1.07 -21.99 -14.07
N HIS A 221 -2.04 -21.10 -13.86
CA HIS A 221 -1.85 -19.65 -14.08
C HIS A 221 -0.80 -19.13 -13.11
N CYS A 222 -0.94 -19.44 -11.82
CA CYS A 222 0.09 -19.10 -10.78
C CYS A 222 0.03 -17.63 -10.35
N ASP A 223 -0.81 -16.80 -10.98
CA ASP A 223 -0.93 -15.37 -10.63
C ASP A 223 -2.41 -14.99 -10.66
N LEU A 224 -3.25 -15.83 -10.10
CA LEU A 224 -4.70 -15.60 -10.26
C LEU A 224 -5.32 -14.65 -9.26
N ARG A 225 -5.88 -13.55 -9.75
CA ARG A 225 -6.76 -12.72 -8.96
C ARG A 225 -8.01 -12.40 -9.77
N PHE A 226 -8.95 -11.68 -9.17
CA PHE A 226 -10.19 -11.27 -9.85
C PHE A 226 -9.88 -10.34 -11.05
N ASP A 227 -8.86 -9.52 -10.96
CA ASP A 227 -8.48 -8.57 -12.03
C ASP A 227 -7.84 -9.28 -13.22
N GLN A 228 -7.58 -10.59 -13.11
CA GLN A 228 -7.03 -11.39 -14.23
C GLN A 228 -8.20 -12.00 -14.97
N PHE A 229 -9.42 -11.80 -14.49
CA PHE A 229 -10.63 -12.22 -15.21
C PHE A 229 -11.30 -11.00 -15.83
N ILE A 230 -11.82 -11.21 -17.04
CA ILE A 230 -12.58 -10.20 -17.74
C ILE A 230 -13.85 -10.83 -18.29
N ARG A 231 -14.89 -10.02 -18.32
CA ARG A 231 -16.20 -10.45 -18.85
C ARG A 231 -16.60 -9.43 -19.90
N ALA A 232 -17.12 -9.90 -21.03
CA ALA A 232 -17.45 -9.00 -22.15
C ALA A 232 -18.80 -8.30 -21.98
N ASP A 233 -19.08 -7.33 -22.85
CA ASP A 233 -20.40 -6.66 -22.86
C ASP A 233 -20.72 -6.10 -21.48
N GLU A 234 -19.87 -5.22 -20.98
CA GLU A 234 -20.09 -4.52 -19.69
C GLU A 234 -20.50 -5.50 -18.60
N GLY A 235 -20.10 -6.76 -18.70
CA GLY A 235 -20.36 -7.71 -17.60
C GLY A 235 -21.39 -8.74 -18.00
N ALA A 236 -21.99 -8.59 -19.18
CA ALA A 236 -23.06 -9.52 -19.60
C ALA A 236 -22.51 -10.57 -20.55
N GLY A 237 -21.24 -10.46 -20.95
CA GLY A 237 -20.69 -11.37 -21.96
C GLY A 237 -20.02 -12.59 -21.38
N GLU A 238 -19.07 -13.14 -22.12
CA GLU A 238 -18.41 -14.40 -21.69
C GLU A 238 -17.23 -14.10 -20.77
N LEU A 239 -16.69 -15.14 -20.13
CA LEU A 239 -15.62 -15.00 -19.14
C LEU A 239 -14.26 -15.42 -19.71
N TYR A 240 -13.28 -14.52 -19.60
CA TYR A 240 -11.90 -14.81 -19.97
C TYR A 240 -11.01 -14.74 -18.73
N LEU A 241 -10.00 -15.62 -18.72
CA LEU A 241 -8.92 -15.55 -17.71
C LEU A 241 -7.67 -15.11 -18.47
N VAL A 242 -7.03 -14.03 -18.06
CA VAL A 242 -5.89 -13.42 -18.82
C VAL A 242 -4.62 -13.29 -17.97
N ASP A 243 -3.56 -12.63 -18.47
CA ASP A 243 -2.26 -12.43 -17.77
C ASP A 243 -1.58 -13.75 -17.47
N TRP A 244 -1.07 -14.41 -18.51
CA TRP A 244 -0.47 -15.76 -18.38
C TRP A 244 1.05 -15.66 -18.25
N GLU A 245 1.55 -14.53 -17.78
CA GLU A 245 2.99 -14.35 -17.58
C GLU A 245 3.63 -15.38 -16.65
N GLU A 246 2.84 -16.04 -15.77
CA GLU A 246 3.41 -16.93 -14.76
C GLU A 246 2.99 -18.39 -15.01
N PHE A 247 2.40 -18.64 -16.19
CA PHE A 247 1.85 -19.93 -16.59
C PHE A 247 2.95 -20.99 -16.54
N ARG A 248 2.70 -22.09 -15.81
CA ARG A 248 3.74 -23.06 -15.52
C ARG A 248 3.10 -24.42 -15.32
N LEU A 249 3.94 -25.46 -15.27
CA LEU A 249 3.51 -26.74 -14.76
C LEU A 249 3.75 -26.72 -13.25
N ALA A 250 2.68 -26.74 -12.47
CA ALA A 250 2.80 -26.36 -11.07
C ALA A 250 1.63 -26.93 -10.27
N ASP A 251 1.67 -26.72 -8.95
CA ASP A 251 0.66 -27.20 -8.02
C ASP A 251 -0.69 -26.58 -8.33
N PRO A 252 -1.72 -27.39 -8.70
CA PRO A 252 -3.06 -26.87 -8.91
C PRO A 252 -3.63 -26.09 -7.72
N ALA A 253 -3.08 -26.32 -6.52
CA ALA A 253 -3.54 -25.66 -5.32
C ALA A 253 -3.27 -24.16 -5.36
N ARG A 254 -2.26 -23.77 -6.14
CA ARG A 254 -1.98 -22.34 -6.32
C ARG A 254 -3.20 -21.62 -6.90
N ASP A 255 -3.94 -22.22 -7.82
CA ASP A 255 -5.01 -21.46 -8.47
C ASP A 255 -6.30 -21.52 -7.66
N VAL A 256 -6.59 -22.68 -7.07
CA VAL A 256 -7.75 -22.82 -6.23
C VAL A 256 -7.57 -21.93 -5.00
N GLY A 257 -6.39 -22.01 -4.37
CA GLY A 257 -6.14 -21.20 -3.21
C GLY A 257 -6.28 -19.72 -3.49
N ALA A 258 -5.75 -19.28 -4.66
CA ALA A 258 -5.82 -17.87 -5.03
C ALA A 258 -7.28 -17.44 -5.13
N PHE A 259 -8.13 -18.27 -5.74
CA PHE A 259 -9.53 -17.89 -5.91
C PHE A 259 -10.23 -17.79 -4.56
N ALA A 260 -9.99 -18.73 -3.66
CA ALA A 260 -10.51 -18.68 -2.30
C ALA A 260 -9.96 -17.46 -1.56
N GLY A 261 -8.65 -17.25 -1.67
CA GLY A 261 -7.99 -16.14 -1.03
C GLY A 261 -8.51 -14.75 -1.44
N GLU A 262 -8.85 -14.61 -2.73
CA GLU A 262 -9.47 -13.39 -3.24
C GLU A 262 -10.79 -13.10 -2.55
N TRP A 263 -11.61 -14.13 -2.31
CA TRP A 263 -12.87 -13.98 -1.59
C TRP A 263 -12.63 -13.69 -0.10
N LEU A 264 -11.74 -14.48 0.52
CA LEU A 264 -11.23 -14.17 1.85
C LEU A 264 -10.85 -12.70 2.01
N PHE A 265 -10.06 -12.18 1.06
CA PHE A 265 -9.55 -10.83 1.16
C PHE A 265 -10.65 -9.80 0.87
N HIS A 266 -11.49 -10.04 -0.15
CA HIS A 266 -12.69 -9.22 -0.41
C HIS A 266 -13.52 -9.09 0.89
N ALA A 267 -13.78 -10.23 1.55
CA ALA A 267 -14.76 -10.29 2.63
C ALA A 267 -14.22 -9.64 3.90
N THR A 268 -12.91 -9.79 4.22
CA THR A 268 -12.35 -9.36 5.49
C THR A 268 -11.52 -8.08 5.38
N TYR A 269 -11.41 -7.51 4.20
CA TYR A 269 -10.68 -6.25 4.04
C TYR A 269 -11.37 -5.32 3.04
N SER A 270 -11.55 -5.73 1.76
CA SER A 270 -11.96 -4.77 0.74
C SER A 270 -13.28 -4.07 1.09
N VAL A 271 -14.18 -4.82 1.71
CA VAL A 271 -15.56 -4.31 2.01
C VAL A 271 -15.54 -3.36 3.20
N PHE A 272 -14.49 -3.41 4.02
CA PHE A 272 -14.37 -2.55 5.21
C PHE A 272 -13.69 -1.24 4.84
N ALA A 273 -13.12 -1.18 3.63
CA ALA A 273 -12.34 0.00 3.24
C ALA A 273 -13.13 0.84 2.24
N GLY A 290 -12.38 4.06 14.11
CA GLY A 290 -11.85 2.80 14.68
C GLY A 290 -12.88 2.07 15.54
N LEU A 291 -13.11 0.79 15.22
CA LEU A 291 -13.82 -0.15 16.10
C LEU A 291 -12.79 -0.81 17.03
N THR A 292 -13.22 -1.80 17.84
CA THR A 292 -12.30 -2.66 18.61
C THR A 292 -11.71 -3.76 17.73
N HIS A 293 -10.67 -4.43 18.18
CA HIS A 293 -10.16 -5.57 17.38
C HIS A 293 -11.23 -6.66 17.34
N GLU A 294 -11.92 -6.91 18.37
CA GLU A 294 -12.91 -8.02 18.42
C GLU A 294 -14.10 -7.69 17.54
N GLU A 295 -14.43 -6.36 17.47
CA GLU A 295 -15.51 -5.97 16.59
C GLU A 295 -15.10 -6.10 15.12
N ILE A 296 -13.89 -5.68 14.79
CA ILE A 296 -13.38 -5.86 13.40
C ILE A 296 -13.42 -7.35 13.04
N VAL A 297 -12.94 -8.21 13.94
CA VAL A 297 -12.96 -9.66 13.77
C VAL A 297 -14.39 -10.18 13.60
N ALA A 298 -15.32 -9.68 14.38
CA ALA A 298 -16.71 -10.17 14.31
C ALA A 298 -17.32 -9.78 12.97
N ARG A 299 -17.11 -8.54 12.58
CA ARG A 299 -17.64 -8.07 11.29
C ARG A 299 -16.97 -8.88 10.18
N GLY A 300 -15.67 -9.04 10.23
CA GLY A 300 -14.95 -9.78 9.20
C GLY A 300 -15.45 -11.21 9.05
N SER A 301 -15.80 -11.84 10.18
CA SER A 301 -16.21 -13.25 10.23
C SER A 301 -17.59 -13.41 9.63
N ALA A 302 -18.47 -12.49 9.99
CA ALA A 302 -19.80 -12.46 9.46
C ALA A 302 -19.72 -12.20 7.96
N SER A 303 -18.88 -11.23 7.55
CA SER A 303 -18.70 -10.93 6.13
C SER A 303 -18.17 -12.16 5.37
N LEU A 304 -17.19 -12.84 5.92
CA LEU A 304 -16.68 -14.05 5.25
C LEU A 304 -17.79 -15.08 5.08
N ARG A 305 -18.51 -15.38 6.14
CA ARG A 305 -19.55 -16.44 6.08
C ARG A 305 -20.54 -16.14 4.96
N ARG A 306 -20.89 -14.87 4.80
CA ARG A 306 -21.86 -14.48 3.76
C ARG A 306 -21.22 -14.68 2.38
N HIS A 307 -19.90 -14.74 2.31
CA HIS A 307 -19.24 -14.89 1.02
C HIS A 307 -18.78 -16.32 0.74
N LEU A 308 -18.84 -17.23 1.74
CA LEU A 308 -18.42 -18.62 1.53
C LEU A 308 -19.13 -19.31 0.36
N PRO A 309 -20.44 -19.11 0.08
CA PRO A 309 -21.07 -19.72 -1.10
C PRO A 309 -20.32 -19.43 -2.40
N ARG A 310 -19.66 -18.26 -2.51
CA ARG A 310 -18.92 -17.88 -3.71
C ARG A 310 -17.75 -18.85 -3.95
N ILE A 311 -17.10 -19.26 -2.86
CA ILE A 311 -15.99 -20.18 -2.91
C ILE A 311 -16.49 -21.59 -3.21
N ALA A 312 -17.67 -21.92 -2.66
CA ALA A 312 -18.34 -23.20 -2.85
C ALA A 312 -18.73 -23.42 -4.32
N ALA A 313 -19.31 -22.38 -4.93
CA ALA A 313 -19.67 -22.42 -6.34
C ALA A 313 -18.43 -22.68 -7.22
N PHE A 314 -17.36 -21.93 -6.95
CA PHE A 314 -16.09 -22.08 -7.67
C PHE A 314 -15.64 -23.54 -7.57
N TRP A 315 -15.62 -24.12 -6.37
CA TRP A 315 -15.17 -25.49 -6.19
C TRP A 315 -16.14 -26.49 -6.83
N GLN A 316 -17.45 -26.19 -6.82
CA GLN A 316 -18.41 -27.04 -7.51
C GLN A 316 -17.97 -27.09 -8.98
N GLY A 317 -17.90 -25.91 -9.62
CA GLY A 317 -17.53 -25.75 -11.01
C GLY A 317 -16.21 -26.42 -11.35
N TYR A 318 -15.26 -26.31 -10.41
CA TYR A 318 -13.94 -26.87 -10.63
C TYR A 318 -14.04 -28.39 -10.74
N LEU A 319 -14.91 -29.00 -9.94
CA LEU A 319 -15.03 -30.46 -9.92
C LEU A 319 -15.84 -30.98 -11.11
N GLU A 320 -16.90 -30.27 -11.51
CA GLU A 320 -17.58 -30.52 -12.78
C GLU A 320 -16.57 -30.80 -13.90
N CYS A 321 -15.58 -29.91 -14.06
CA CYS A 321 -14.62 -30.06 -15.15
C CYS A 321 -13.36 -30.82 -14.78
N ARG A 322 -13.04 -30.98 -13.49
CA ARG A 322 -11.92 -31.80 -13.11
C ARG A 322 -12.42 -32.77 -12.02
N PRO A 323 -13.32 -33.70 -12.40
CA PRO A 323 -13.91 -34.65 -11.46
C PRO A 323 -12.95 -35.60 -10.76
N GLN A 324 -11.76 -35.84 -11.35
CA GLN A 324 -10.78 -36.75 -10.79
C GLN A 324 -9.76 -36.05 -9.87
N ALA A 325 -9.93 -34.76 -9.62
CA ALA A 325 -8.93 -33.99 -8.84
C ALA A 325 -8.56 -34.62 -7.49
N LEU A 326 -9.52 -34.85 -6.60
CA LEU A 326 -9.21 -35.34 -5.23
C LEU A 326 -8.77 -36.80 -5.29
N ALA A 327 -9.16 -37.51 -6.33
CA ALA A 327 -8.73 -38.91 -6.48
C ALA A 327 -7.21 -38.96 -6.67
N LEU A 328 -6.68 -37.97 -7.36
CA LEU A 328 -5.21 -37.92 -7.60
C LEU A 328 -4.54 -37.20 -6.43
N ASP A 329 -5.15 -36.12 -5.94
CA ASP A 329 -4.53 -35.30 -4.86
C ASP A 329 -5.54 -35.09 -3.73
N ALA A 330 -5.46 -35.92 -2.71
CA ALA A 330 -6.33 -35.77 -1.56
C ALA A 330 -5.93 -34.57 -0.71
N GLY A 331 -4.64 -34.22 -0.75
CA GLY A 331 -4.10 -33.05 -0.07
C GLY A 331 -4.44 -31.70 -0.70
N LEU A 332 -5.07 -31.69 -1.88
CA LEU A 332 -5.34 -30.46 -2.64
C LEU A 332 -6.15 -29.46 -1.82
N PRO A 333 -7.29 -29.81 -1.15
CA PRO A 333 -8.00 -28.86 -0.30
C PRO A 333 -7.12 -28.15 0.72
N GLU A 334 -6.30 -28.94 1.43
CA GLU A 334 -5.43 -28.44 2.48
C GLU A 334 -4.43 -27.43 1.89
N ARG A 335 -3.78 -27.79 0.77
CA ARG A 335 -2.76 -26.97 0.12
C ARG A 335 -3.35 -25.69 -0.46
N ALA A 336 -4.58 -25.82 -0.97
CA ALA A 336 -5.31 -24.68 -1.49
C ALA A 336 -5.57 -23.67 -0.38
N ALA A 337 -5.98 -24.17 0.80
CA ALA A 337 -6.30 -23.32 1.92
C ALA A 337 -5.04 -22.60 2.37
N ALA A 338 -3.92 -23.32 2.38
CA ALA A 338 -2.64 -22.71 2.72
C ALA A 338 -2.25 -21.59 1.73
N TYR A 339 -2.53 -21.77 0.42
CA TYR A 339 -2.26 -20.72 -0.56
C TYR A 339 -3.22 -19.56 -0.36
N ALA A 340 -4.47 -19.86 0.04
CA ALA A 340 -5.45 -18.81 0.35
C ALA A 340 -4.94 -17.98 1.53
N GLY A 341 -4.26 -18.62 2.49
CA GLY A 341 -3.73 -17.86 3.61
C GLY A 341 -2.64 -16.88 3.17
N TRP A 342 -1.59 -17.42 2.50
CA TRP A 342 -0.56 -16.60 1.91
C TRP A 342 -1.18 -15.53 1.02
N HIS A 343 -2.16 -15.87 0.19
CA HIS A 343 -2.75 -14.88 -0.75
C HIS A 343 -3.23 -13.66 0.03
N MET A 344 -3.71 -13.71 1.16
CA MET A 344 -4.17 -12.54 1.95
C MET A 344 -2.98 -11.67 2.32
N TYR A 345 -1.85 -12.39 2.83
CA TYR A 345 -0.68 -11.58 3.07
C TYR A 345 -0.31 -10.86 1.78
N ASP A 346 -0.32 -11.60 0.66
CA ASP A 346 0.11 -11.07 -0.61
C ASP A 346 -0.72 -9.83 -0.92
N ARG A 347 -2.06 -9.93 -0.83
CA ARG A 347 -2.93 -8.83 -1.17
C ARG A 347 -2.80 -7.71 -0.15
N LEU A 348 -2.59 -8.02 1.14
CA LEU A 348 -2.43 -6.96 2.15
C LEU A 348 -1.14 -6.18 1.90
N ILE A 349 -0.05 -6.88 1.54
CA ILE A 349 1.18 -6.17 1.22
C ILE A 349 1.05 -5.29 -0.04
N ALA A 350 0.34 -5.74 -1.06
CA ALA A 350 0.12 -4.89 -2.25
C ALA A 350 -0.71 -3.66 -1.91
N THR A 351 -1.80 -3.83 -1.17
CA THR A 351 -2.70 -2.72 -0.79
C THR A 351 -1.94 -1.64 0.00
N ALA A 352 -0.97 -2.04 0.83
CA ALA A 352 -0.24 -1.09 1.70
C ALA A 352 0.66 -0.13 0.94
N GLU A 353 0.86 -0.34 -0.36
CA GLU A 353 1.79 0.52 -1.12
C GLU A 353 1.34 1.97 -1.06
N SER A 354 0.07 2.20 -0.78
CA SER A 354 -0.48 3.58 -0.79
C SER A 354 -0.66 4.07 0.64
N HIS A 355 -0.21 3.29 1.61
CA HIS A 355 -0.38 3.66 3.01
C HIS A 355 1.00 3.79 3.68
N ALA A 356 1.03 4.51 4.83
CA ALA A 356 2.24 4.72 5.58
C ALA A 356 2.20 3.90 6.87
N THR A 357 1.02 3.58 7.38
CA THR A 357 0.88 2.64 8.50
C THR A 357 -0.06 1.52 8.05
N LEU A 358 -0.02 0.39 8.76
CA LEU A 358 -1.01 -0.64 8.64
C LEU A 358 -2.20 -0.34 9.54
N ASN A 359 -3.40 -0.20 8.97
CA ASN A 359 -4.58 0.08 9.79
C ASN A 359 -5.02 -1.20 10.52
N PRO A 360 -5.94 -1.08 11.51
CA PRO A 360 -6.38 -2.26 12.28
C PRO A 360 -7.13 -3.33 11.49
N VAL A 361 -7.75 -2.95 10.36
CA VAL A 361 -8.44 -3.89 9.47
C VAL A 361 -7.42 -4.79 8.76
N ALA A 362 -6.37 -4.15 8.18
CA ALA A 362 -5.21 -4.82 7.62
C ALA A 362 -4.71 -5.89 8.58
N ARG A 363 -4.50 -5.52 9.85
CA ARG A 363 -3.89 -6.37 10.86
C ARG A 363 -4.82 -7.51 11.20
N ALA A 364 -6.11 -7.20 11.33
CA ALA A 364 -7.11 -8.24 11.54
C ALA A 364 -7.13 -9.25 10.39
N ALA A 365 -7.14 -8.76 9.13
CA ALA A 365 -7.10 -9.63 7.95
C ALA A 365 -5.82 -10.51 7.91
N ALA A 366 -4.67 -9.96 8.25
CA ALA A 366 -3.44 -10.75 8.34
C ALA A 366 -3.57 -11.88 9.36
N GLY A 367 -4.32 -11.61 10.44
CA GLY A 367 -4.56 -12.58 11.50
C GLY A 367 -5.40 -13.75 11.02
N ILE A 368 -6.38 -13.44 10.16
CA ILE A 368 -7.15 -14.49 9.50
C ILE A 368 -6.29 -15.25 8.50
N GLY A 369 -5.40 -14.55 7.80
CA GLY A 369 -4.50 -15.22 6.89
C GLY A 369 -3.63 -16.23 7.60
N ARG A 370 -3.09 -15.84 8.77
CA ARG A 370 -2.28 -16.70 9.61
C ARG A 370 -3.06 -17.95 10.07
N THR A 371 -4.32 -17.76 10.45
CA THR A 371 -5.18 -18.86 10.94
C THR A 371 -5.39 -19.89 9.84
N VAL A 372 -5.68 -19.45 8.63
CA VAL A 372 -5.91 -20.37 7.49
C VAL A 372 -4.60 -21.09 7.14
N LEU A 373 -3.48 -20.38 7.19
CA LEU A 373 -2.17 -20.97 6.81
C LEU A 373 -1.70 -22.01 7.83
N LEU A 374 -1.79 -21.70 9.12
CA LEU A 374 -1.26 -22.61 10.16
C LEU A 374 -2.29 -23.69 10.50
N GLY A 375 -3.53 -23.53 10.07
CA GLY A 375 -4.58 -24.55 10.29
C GLY A 375 -5.28 -24.87 8.99
N PRO A 376 -4.56 -25.40 7.98
CA PRO A 376 -5.14 -25.58 6.65
C PRO A 376 -6.26 -26.62 6.50
N SER A 377 -6.26 -27.67 7.32
CA SER A 377 -7.31 -28.71 7.25
C SER A 377 -8.65 -28.14 7.72
N ALA A 378 -8.65 -27.34 8.77
CA ALA A 378 -9.88 -26.72 9.26
C ALA A 378 -10.35 -25.59 8.33
N ALA A 379 -9.43 -24.78 7.82
CA ALA A 379 -9.81 -23.71 6.90
C ALA A 379 -10.39 -24.32 5.62
N ALA A 380 -9.85 -25.43 5.16
CA ALA A 380 -10.41 -26.07 3.95
C ALA A 380 -11.88 -26.41 4.16
N ARG A 381 -12.20 -27.08 5.27
CA ARG A 381 -13.59 -27.48 5.57
C ARG A 381 -14.44 -26.22 5.68
N THR A 382 -13.98 -25.23 6.44
CA THR A 382 -14.74 -23.98 6.63
C THR A 382 -14.95 -23.27 5.29
N LEU A 383 -13.98 -23.33 4.39
CA LEU A 383 -14.06 -22.60 3.13
C LEU A 383 -14.94 -23.36 2.16
N GLY A 384 -15.23 -24.62 2.45
CA GLY A 384 -16.14 -25.41 1.60
C GLY A 384 -15.40 -26.22 0.55
N LEU A 385 -14.10 -26.40 0.74
CA LEU A 385 -13.29 -27.13 -0.25
C LEU A 385 -13.12 -28.55 0.27
N SER A 386 -14.22 -29.28 0.41
CA SER A 386 -14.13 -30.68 0.87
C SER A 386 -15.03 -31.60 0.05
N ALA A 387 -14.78 -32.92 0.11
CA ALA A 387 -15.62 -33.93 -0.60
C ALA A 387 -15.91 -33.48 -2.03
N ALA B 15 -17.46 38.37 26.10
CA ALA B 15 -17.30 39.06 24.80
C ALA B 15 -15.81 39.20 24.43
N SER B 16 -14.99 38.22 24.86
CA SER B 16 -13.75 37.85 24.17
C SER B 16 -13.72 36.32 24.02
N PRO B 17 -13.22 35.79 22.88
CA PRO B 17 -13.05 34.34 22.70
C PRO B 17 -12.19 33.67 23.79
N VAL B 18 -11.21 34.44 24.32
CA VAL B 18 -10.36 34.08 25.46
C VAL B 18 -11.15 34.14 26.78
N ALA B 19 -12.07 35.13 26.86
CA ALA B 19 -12.97 35.28 27.99
C ALA B 19 -13.86 34.05 28.17
N ARG B 20 -14.46 33.60 27.07
CA ARG B 20 -15.42 32.47 27.17
C ARG B 20 -14.67 31.14 27.15
N HIS B 21 -13.41 31.15 26.77
CA HIS B 21 -12.63 29.89 26.65
C HIS B 21 -11.36 30.01 27.50
N ARG B 22 -11.52 30.02 28.82
CA ARG B 22 -10.38 30.16 29.74
C ARG B 22 -9.68 28.80 29.93
N GLY B 23 -8.35 28.81 29.96
CA GLY B 23 -7.57 27.58 30.13
C GLY B 23 -7.14 27.06 28.79
N LEU B 24 -7.38 27.80 27.75
CA LEU B 24 -7.08 27.32 26.39
C LEU B 24 -6.25 28.36 25.63
N ALA B 25 -5.28 27.92 24.86
CA ALA B 25 -4.51 28.81 24.01
C ALA B 25 -5.46 29.68 23.17
N PRO B 26 -5.24 31.00 23.08
CA PRO B 26 -6.12 31.90 22.33
C PRO B 26 -6.44 31.51 20.89
N ARG B 27 -5.43 31.05 20.14
CA ARG B 27 -5.61 30.61 18.75
CA ARG B 27 -5.64 30.60 18.74
C ARG B 27 -6.73 29.51 18.68
N LEU B 28 -6.65 28.64 19.67
CA LEU B 28 -7.63 27.57 19.74
C LEU B 28 -8.99 28.08 20.20
N ALA B 29 -9.01 29.01 21.15
CA ALA B 29 -10.26 29.59 21.64
C ALA B 29 -11.02 30.31 20.52
N GLU B 30 -10.30 31.12 19.73
CA GLU B 30 -10.81 31.75 18.53
C GLU B 30 -11.43 30.73 17.55
N ALA B 31 -10.75 29.60 17.35
CA ALA B 31 -11.25 28.60 16.40
C ALA B 31 -12.56 27.98 16.88
N LEU B 32 -12.69 27.73 18.17
CA LEU B 32 -13.88 27.02 18.70
C LEU B 32 -15.12 27.90 18.56
N ASP B 33 -14.96 29.10 18.02
CA ASP B 33 -16.12 29.98 17.78
C ASP B 33 -16.67 29.67 16.40
N ALA B 34 -15.93 28.92 15.59
CA ALA B 34 -16.40 28.48 14.28
C ALA B 34 -16.95 27.05 14.37
N VAL B 35 -17.16 26.53 15.59
CA VAL B 35 -17.43 25.12 15.80
C VAL B 35 -18.62 25.02 16.74
N SER B 36 -19.67 24.28 16.37
CA SER B 36 -20.70 23.94 17.35
C SER B 36 -21.18 22.51 17.12
N VAL B 37 -21.53 21.89 18.24
CA VAL B 37 -22.02 20.52 18.28
C VAL B 37 -23.40 20.63 18.90
N ALA B 38 -24.40 19.96 18.31
CA ALA B 38 -25.77 20.04 18.79
C ALA B 38 -25.92 19.22 20.08
N PRO B 39 -26.87 19.55 20.97
CA PRO B 39 -27.15 18.64 22.08
C PRO B 39 -27.42 17.23 21.52
N GLY B 40 -26.81 16.22 22.16
CA GLY B 40 -26.93 14.82 21.76
C GLY B 40 -25.88 14.35 20.74
N ALA B 41 -25.11 15.27 20.11
CA ALA B 41 -23.94 14.89 19.33
C ALA B 41 -24.30 13.97 18.16
N ARG B 42 -25.43 14.26 17.52
CA ARG B 42 -25.72 13.67 16.23
C ARG B 42 -25.51 14.71 15.11
N ARG B 43 -25.25 15.97 15.46
CA ARG B 43 -24.98 17.03 14.44
C ARG B 43 -23.89 18.00 14.92
N ALA B 44 -22.99 18.38 14.00
CA ALA B 44 -21.94 19.36 14.32
C ALA B 44 -21.77 20.31 13.13
N SER B 45 -21.00 21.38 13.33
CA SER B 45 -20.76 22.36 12.25
C SER B 45 -19.38 22.98 12.43
N VAL B 46 -18.49 22.76 11.48
CA VAL B 46 -17.13 23.36 11.54
C VAL B 46 -17.00 24.39 10.41
N ALA B 47 -17.24 25.66 10.72
CA ALA B 47 -17.04 26.73 9.73
C ALA B 47 -17.94 26.51 8.51
N GLY B 48 -19.25 26.33 8.74
CA GLY B 48 -20.19 26.11 7.64
C GLY B 48 -20.14 24.68 7.14
N ARG B 49 -19.05 23.96 7.42
CA ARG B 49 -18.99 22.52 7.02
C ARG B 49 -19.81 21.72 8.01
N THR B 50 -21.09 21.59 7.73
CA THR B 50 -22.01 20.81 8.60
C THR B 50 -21.64 19.32 8.53
N VAL B 51 -21.90 18.58 9.60
CA VAL B 51 -21.55 17.13 9.66
C VAL B 51 -22.63 16.41 10.48
N THR B 52 -23.09 15.27 9.99
CA THR B 52 -24.18 14.54 10.68
C THR B 52 -23.83 13.06 10.85
N ALA B 53 -24.39 12.43 11.87
CA ALA B 53 -24.22 11.00 12.03
C ALA B 53 -25.45 10.45 12.76
N ASP B 54 -25.52 9.12 12.91
CA ASP B 54 -26.68 8.48 13.52
C ASP B 54 -26.34 8.08 14.96
N SER B 55 -25.04 8.08 15.29
CA SER B 55 -24.49 7.81 16.61
C SER B 55 -23.63 9.00 17.06
N PRO B 56 -23.57 9.34 18.37
CA PRO B 56 -22.44 10.10 18.93
C PRO B 56 -21.04 9.64 18.54
N ARG B 57 -20.90 8.31 18.44
CA ARG B 57 -19.62 7.65 18.23
C ARG B 57 -19.15 7.83 16.78
N ASP B 58 -20.09 7.99 15.85
CA ASP B 58 -19.75 8.18 14.44
C ASP B 58 -19.56 9.66 14.13
N LEU B 59 -20.25 10.54 14.86
CA LEU B 59 -19.96 11.96 14.81
C LEU B 59 -18.56 12.26 15.32
N ARG B 60 -18.03 11.48 16.28
CA ARG B 60 -16.67 11.66 16.76
C ARG B 60 -15.68 11.55 15.59
N GLY B 61 -15.87 10.55 14.72
CA GLY B 61 -14.93 10.34 13.62
C GLY B 61 -15.12 11.32 12.48
N ARG B 62 -16.38 11.76 12.28
CA ARG B 62 -16.67 12.70 11.19
C ARG B 62 -16.22 14.10 11.62
N LEU B 63 -16.61 14.55 12.77
CA LEU B 63 -16.20 15.83 13.33
C LEU B 63 -14.68 15.92 13.47
N THR B 64 -14.00 14.83 13.86
CA THR B 64 -12.55 14.81 13.86
C THR B 64 -12.02 15.22 12.51
N ASN B 65 -12.62 14.63 11.47
CA ASN B 65 -12.21 14.86 10.10
C ASN B 65 -12.44 16.31 9.68
N ALA B 66 -13.64 16.85 9.95
CA ALA B 66 -13.99 18.23 9.65
C ALA B 66 -13.03 19.21 10.35
N LEU B 67 -12.75 18.98 11.64
CA LEU B 67 -11.80 19.78 12.42
C LEU B 67 -10.42 19.71 11.79
N TYR B 68 -9.97 18.50 11.46
CA TYR B 68 -8.67 18.29 10.83
C TYR B 68 -8.54 19.05 9.51
N GLU B 69 -9.57 19.01 8.65
CA GLU B 69 -9.56 19.69 7.36
C GLU B 69 -9.56 21.21 7.55
N GLU B 70 -10.53 21.72 8.30
CA GLU B 70 -10.71 23.15 8.48
C GLU B 70 -9.61 23.76 9.34
N LEU B 71 -9.20 23.11 10.43
CA LEU B 71 -8.32 23.77 11.40
C LEU B 71 -6.86 23.43 11.22
N HIS B 72 -6.52 22.18 10.83
CA HIS B 72 -5.12 21.80 10.67
C HIS B 72 -4.63 22.03 9.25
N ALA B 73 -5.41 21.56 8.26
CA ALA B 73 -4.96 21.47 6.88
C ALA B 73 -5.40 22.71 6.11
N GLY B 74 -6.63 23.16 6.35
CA GLY B 74 -7.16 24.38 5.78
C GLY B 74 -7.93 24.16 4.47
N ARG B 75 -8.30 22.90 4.15
CA ARG B 75 -9.08 22.55 2.95
C ARG B 75 -10.58 22.87 3.14
N HIS B 76 -11.27 23.11 2.02
CA HIS B 76 -12.58 23.78 2.02
C HIS B 76 -12.46 25.05 2.86
N THR B 90 -3.51 11.50 -7.75
CA THR B 90 -3.26 10.06 -7.41
C THR B 90 -1.76 9.78 -7.41
N LEU B 91 -1.08 10.03 -8.54
CA LEU B 91 0.27 9.55 -8.80
C LEU B 91 1.34 10.53 -8.32
N ARG B 92 2.62 10.11 -8.46
CA ARG B 92 3.83 10.91 -8.26
C ARG B 92 4.31 11.47 -9.61
N ASP B 93 5.29 12.38 -9.58
CA ASP B 93 5.76 13.04 -10.79
C ASP B 93 7.28 12.91 -10.93
N PRO B 94 7.76 12.17 -11.94
CA PRO B 94 9.20 12.03 -12.19
C PRO B 94 10.02 13.29 -12.47
N ALA B 95 9.37 14.35 -13.00
CA ALA B 95 10.05 15.64 -13.17
C ALA B 95 10.29 16.28 -11.80
N LEU B 96 9.21 16.43 -11.02
CA LEU B 96 9.28 17.00 -9.69
C LEU B 96 10.22 16.19 -8.80
N GLU B 97 10.09 14.86 -8.83
CA GLU B 97 10.95 13.98 -8.05
C GLU B 97 12.42 14.20 -8.41
N ALA B 98 12.70 14.33 -9.71
CA ALA B 98 14.06 14.50 -10.18
C ALA B 98 14.66 15.81 -9.65
N ARG B 99 13.82 16.85 -9.61
CA ARG B 99 14.30 18.17 -9.13
C ARG B 99 14.43 18.13 -7.60
N LEU B 100 13.52 17.45 -6.92
CA LEU B 100 13.60 17.32 -5.44
C LEU B 100 14.81 16.45 -5.10
N ALA B 101 14.99 15.34 -5.82
CA ALA B 101 16.14 14.49 -5.61
C ALA B 101 17.45 15.27 -5.79
N ALA B 102 17.54 16.13 -6.82
CA ALA B 102 18.76 16.88 -7.08
C ALA B 102 19.04 17.87 -5.95
N ALA B 103 17.98 18.38 -5.31
CA ALA B 103 18.13 19.43 -4.30
C ALA B 103 18.77 18.90 -3.03
N VAL B 104 18.76 17.58 -2.85
CA VAL B 104 19.29 17.00 -1.59
C VAL B 104 20.80 17.15 -1.58
N PRO B 105 21.40 17.67 -0.49
CA PRO B 105 22.83 17.93 -0.46
C PRO B 105 23.71 16.71 -0.17
N HIS B 106 23.13 15.59 0.21
CA HIS B 106 23.92 14.38 0.57
C HIS B 106 23.32 13.18 -0.13
N ARG B 107 23.92 12.01 0.05
CA ARG B 107 23.44 10.80 -0.66
C ARG B 107 23.48 9.59 0.25
N THR B 108 24.06 9.72 1.44
CA THR B 108 24.28 8.55 2.26
C THR B 108 24.00 8.85 3.74
N THR B 109 23.32 7.90 4.38
CA THR B 109 23.02 7.90 5.80
C THR B 109 23.56 6.59 6.37
N PRO B 110 24.55 6.60 7.27
CA PRO B 110 25.00 5.35 7.88
C PRO B 110 23.86 4.82 8.74
N THR B 111 23.70 3.48 8.72
CA THR B 111 22.61 2.81 9.41
C THR B 111 23.15 1.54 10.07
N ARG B 112 22.88 1.38 11.38
CA ARG B 112 23.28 0.20 12.13
C ARG B 112 22.20 -0.88 12.02
N GLY B 113 22.64 -2.15 11.96
CA GLY B 113 21.79 -3.29 12.22
C GLY B 113 22.64 -4.51 12.56
N ARG B 114 22.01 -5.59 12.98
CA ARG B 114 22.75 -6.81 13.37
C ARG B 114 22.96 -7.70 12.15
N LEU B 115 24.17 -8.17 11.95
CA LEU B 115 24.46 -9.09 10.82
C LEU B 115 23.83 -10.43 11.13
N VAL B 116 22.98 -10.91 10.23
CA VAL B 116 22.33 -12.22 10.42
C VAL B 116 23.23 -13.22 9.75
N GLU B 117 23.77 -12.83 8.58
CA GLU B 117 24.55 -13.79 7.79
C GLU B 117 25.25 -13.13 6.59
N VAL B 118 26.58 -13.46 6.43
CA VAL B 118 27.26 -13.06 5.20
C VAL B 118 26.91 -14.09 4.14
N LEU B 119 26.44 -13.60 3.01
CA LEU B 119 26.18 -14.51 1.89
C LEU B 119 27.38 -14.35 0.96
N ARG B 120 27.98 -15.37 0.50
CA ARG B 120 29.18 -15.28 -0.35
C ARG B 120 28.82 -15.65 -1.79
N ARG B 121 28.90 -14.75 -2.69
CA ARG B 121 28.68 -15.00 -4.10
C ARG B 121 29.97 -14.62 -4.82
N PRO B 122 30.31 -15.30 -5.94
CA PRO B 122 31.33 -14.80 -6.86
C PRO B 122 30.85 -13.51 -7.54
N ASP B 123 29.55 -13.32 -7.70
CA ASP B 123 29.07 -12.13 -8.46
C ASP B 123 29.09 -10.90 -7.54
N GLY B 124 29.48 -11.08 -6.27
CA GLY B 124 29.43 -9.99 -5.30
C GLY B 124 28.84 -10.47 -3.99
N ASP B 125 29.59 -10.34 -2.91
CA ASP B 125 29.13 -10.82 -1.58
C ASP B 125 27.99 -9.95 -1.07
N GLN B 126 27.13 -10.50 -0.23
CA GLN B 126 25.98 -9.78 0.31
C GLN B 126 25.82 -10.03 1.81
N LEU B 127 25.22 -9.03 2.48
CA LEU B 127 24.98 -9.08 3.90
C LEU B 127 23.47 -9.13 4.14
N VAL B 128 23.06 -10.16 4.90
CA VAL B 128 21.75 -10.18 5.48
C VAL B 128 21.82 -9.46 6.81
N VAL B 129 21.11 -8.33 6.90
CA VAL B 129 21.18 -7.46 8.06
C VAL B 129 19.76 -7.21 8.58
N ARG B 130 19.56 -7.46 9.89
CA ARG B 130 18.36 -6.97 10.56
C ARG B 130 18.51 -5.49 10.87
N LEU B 131 17.89 -4.65 10.03
CA LEU B 131 17.67 -3.25 10.33
C LEU B 131 16.50 -3.16 11.29
N PRO B 132 16.28 -1.99 11.93
CA PRO B 132 15.17 -1.85 12.90
C PRO B 132 13.80 -2.05 12.26
N GLU B 133 13.67 -1.68 11.00
CA GLU B 133 12.36 -1.75 10.30
C GLU B 133 12.19 -3.03 9.46
N VAL B 134 13.26 -3.75 9.15
CA VAL B 134 13.14 -4.94 8.25
C VAL B 134 14.45 -5.73 8.16
N THR B 135 14.37 -7.00 7.79
CA THR B 135 15.58 -7.78 7.49
C THR B 135 15.82 -7.58 6.00
N ALA B 136 17.03 -7.24 5.60
CA ALA B 136 17.35 -6.84 4.25
C ALA B 136 18.65 -7.49 3.80
N ARG B 137 18.79 -7.62 2.48
CA ARG B 137 19.92 -8.24 1.83
C ARG B 137 20.68 -7.10 1.16
N VAL B 138 21.85 -6.75 1.73
CA VAL B 138 22.59 -5.54 1.35
C VAL B 138 23.91 -5.94 0.66
N PRO B 139 24.32 -5.27 -0.46
CA PRO B 139 25.66 -5.51 -1.04
C PRO B 139 26.71 -5.25 0.04
N ALA B 140 27.75 -6.09 0.09
CA ALA B 140 28.76 -6.02 1.16
C ALA B 140 29.68 -4.81 0.99
N ASP B 141 29.71 -4.22 -0.22
CA ASP B 141 30.44 -2.99 -0.50
C ASP B 141 29.84 -1.80 0.26
N ARG B 142 28.76 -1.98 1.01
CA ARG B 142 28.17 -0.89 1.78
C ARG B 142 28.66 -0.88 3.24
N LEU B 143 29.45 -1.88 3.62
CA LEU B 143 29.87 -1.99 5.03
C LEU B 143 30.78 -0.81 5.37
N LEU B 144 30.66 -0.26 6.56
CA LEU B 144 31.48 0.93 6.84
C LEU B 144 32.10 0.70 8.21
N SER B 145 31.51 -0.20 8.96
CA SER B 145 32.09 -0.55 10.27
C SER B 145 31.30 -1.74 10.79
N PRO B 146 31.94 -2.90 11.03
CA PRO B 146 33.37 -2.95 11.11
C PRO B 146 33.96 -2.85 9.71
N SER B 147 35.28 -2.78 9.61
CA SER B 147 35.95 -2.65 8.30
C SER B 147 35.78 -3.94 7.51
N VAL B 148 35.39 -5.01 8.18
CA VAL B 148 35.29 -6.33 7.51
C VAL B 148 34.09 -7.09 8.07
N PRO B 149 33.27 -7.75 7.23
CA PRO B 149 32.05 -8.41 7.70
C PRO B 149 32.34 -9.18 8.99
N PRO B 150 31.62 -8.90 10.11
CA PRO B 150 31.88 -9.56 11.39
C PRO B 150 31.12 -10.89 11.48
N ALA B 151 31.07 -11.48 12.68
CA ALA B 151 30.29 -12.72 12.89
C ALA B 151 28.80 -12.37 12.96
N PRO B 152 27.88 -13.22 12.44
CA PRO B 152 26.45 -12.96 12.55
C PRO B 152 26.09 -12.65 14.02
N GLY B 153 25.35 -11.56 14.26
CA GLY B 153 25.01 -11.16 15.63
C GLY B 153 25.70 -9.88 16.02
N GLU B 154 26.74 -9.48 15.26
CA GLU B 154 27.48 -8.24 15.56
C GLU B 154 26.85 -7.08 14.82
N THR B 155 26.74 -5.93 15.50
CA THR B 155 26.27 -4.69 14.86
C THR B 155 27.21 -4.35 13.71
N VAL B 156 26.61 -3.99 12.58
CA VAL B 156 27.34 -3.49 11.39
C VAL B 156 26.78 -2.11 11.08
N GLU B 157 27.39 -1.41 10.12
CA GLU B 157 26.99 -0.05 9.84
C GLU B 157 27.19 0.11 8.35
N LEU B 158 26.17 0.67 7.69
CA LEU B 158 26.04 0.53 6.26
C LEU B 158 25.72 1.90 5.69
N ALA B 159 26.20 2.12 4.47
CA ALA B 159 25.98 3.36 3.75
C ALA B 159 24.71 3.15 2.94
N LEU B 160 23.57 3.63 3.44
CA LEU B 160 22.31 3.42 2.73
C LEU B 160 21.90 4.73 2.09
N GLU B 161 21.19 4.66 0.97
CA GLU B 161 20.74 5.87 0.30
C GLU B 161 19.95 6.74 1.28
N ALA B 162 20.25 8.05 1.28
CA ALA B 162 19.53 9.04 2.07
C ALA B 162 18.11 9.26 1.55
N ALA B 163 17.94 9.32 0.22
CA ALA B 163 16.65 9.53 -0.42
C ALA B 163 15.84 8.23 -0.51
N ARG B 164 14.52 8.34 -0.31
CA ARG B 164 13.60 7.23 -0.21
C ARG B 164 12.28 7.70 -0.77
N PRO B 165 12.17 7.77 -2.11
CA PRO B 165 10.98 8.30 -2.79
C PRO B 165 9.68 7.51 -2.76
N ALA B 166 9.74 6.27 -2.25
CA ALA B 166 8.54 5.44 -2.13
C ALA B 166 8.06 5.30 -0.69
N LEU B 167 8.89 5.73 0.28
CA LEU B 167 8.61 5.43 1.67
C LEU B 167 7.30 6.07 2.15
N SER B 168 7.05 7.30 1.72
CA SER B 168 5.95 8.06 2.26
C SER B 168 5.05 8.40 1.08
N PRO B 169 3.89 7.72 0.90
CA PRO B 169 3.05 7.90 -0.29
C PRO B 169 2.54 9.35 -0.43
N GLY B 170 2.81 9.97 -1.58
CA GLY B 170 2.47 11.36 -1.82
C GLY B 170 3.66 12.29 -1.69
N PHE B 171 4.78 11.74 -1.19
CA PHE B 171 5.92 12.52 -0.72
C PHE B 171 7.23 11.92 -1.21
N PHE B 172 8.22 12.81 -1.35
CA PHE B 172 9.62 12.45 -1.43
C PHE B 172 10.22 12.55 -0.02
N TYR B 173 10.83 11.48 0.44
CA TYR B 173 11.34 11.42 1.80
C TYR B 173 12.86 11.31 1.73
N VAL B 174 13.53 12.00 2.69
CA VAL B 174 14.97 11.99 2.84
C VAL B 174 15.27 11.82 4.33
N MET B 175 16.27 10.99 4.61
CA MET B 175 16.86 10.89 5.90
C MET B 175 18.10 11.78 5.89
N GLY B 176 18.48 12.34 7.04
CA GLY B 176 19.65 13.21 7.11
C GLY B 176 20.95 12.41 7.10
N SER B 177 22.07 13.08 6.79
CA SER B 177 23.41 12.46 6.73
C SER B 177 23.83 11.90 8.07
N ARG B 178 23.35 12.48 9.14
CA ARG B 178 23.75 12.06 10.50
C ARG B 178 22.68 11.17 11.10
N PRO B 179 23.07 10.02 11.63
CA PRO B 179 22.11 9.09 12.23
C PRO B 179 21.29 9.65 13.40
N LEU B 180 20.02 9.26 13.46
CA LEU B 180 19.11 9.75 14.52
C LEU B 180 19.46 9.06 15.82
N PRO B 181 19.18 9.70 16.98
CA PRO B 181 19.47 9.12 18.27
C PRO B 181 18.83 7.75 18.46
N ARG B 182 19.40 6.94 19.35
CA ARG B 182 18.93 5.55 19.57
C ARG B 182 17.57 5.50 20.26
N PRO B 183 17.33 6.30 21.32
CA PRO B 183 16.01 6.30 21.93
C PRO B 183 15.02 7.10 21.06
N ALA B 184 15.47 7.56 19.90
CA ALA B 184 14.61 8.36 19.01
C ALA B 184 14.28 9.69 19.67
N GLY B 185 13.56 9.64 20.80
CA GLY B 185 13.29 10.87 21.55
C GLY B 185 12.12 11.64 21.01
N ALA B 186 11.89 12.83 21.56
CA ALA B 186 10.78 13.69 21.10
C ALA B 186 11.17 14.34 19.77
N VAL B 187 10.25 14.38 18.83
CA VAL B 187 10.57 14.91 17.48
C VAL B 187 9.87 16.23 17.24
N ARG B 188 10.63 17.31 17.09
CA ARG B 188 10.10 18.59 16.70
C ARG B 188 9.75 18.55 15.21
N ARG B 189 8.48 18.80 14.88
CA ARG B 189 8.01 18.85 13.50
C ARG B 189 7.99 20.31 13.04
N ILE B 190 8.40 20.54 11.79
CA ILE B 190 8.28 21.87 11.22
C ILE B 190 7.56 21.75 9.88
N PHE B 191 6.53 22.57 9.68
CA PHE B 191 5.71 22.51 8.49
C PHE B 191 5.96 23.76 7.67
N LEU B 192 6.13 23.57 6.36
CA LEU B 192 6.26 24.71 5.43
C LEU B 192 5.09 24.70 4.45
N HIS B 193 4.32 25.79 4.39
CA HIS B 193 3.17 25.93 3.52
C HIS B 193 3.58 26.34 2.10
N ALA B 194 4.29 25.47 1.36
CA ALA B 194 4.60 25.73 -0.03
C ALA B 194 3.34 26.00 -0.84
N ARG B 195 3.33 27.13 -1.58
CA ARG B 195 2.23 27.54 -2.45
C ARG B 195 2.01 26.62 -3.64
N ASP B 196 3.10 26.04 -4.18
CA ASP B 196 3.04 25.23 -5.40
C ASP B 196 4.37 24.47 -5.58
N ALA B 197 4.48 23.70 -6.64
CA ALA B 197 5.68 22.84 -6.77
C ALA B 197 6.99 23.63 -6.81
N ASP B 198 7.01 24.75 -7.51
CA ASP B 198 8.29 25.49 -7.70
C ASP B 198 8.80 26.01 -6.36
N ALA B 199 7.90 26.52 -5.54
CA ALA B 199 8.29 27.04 -4.22
C ALA B 199 8.83 25.87 -3.40
N ALA B 200 8.23 24.70 -3.59
CA ALA B 200 8.62 23.54 -2.81
C ALA B 200 10.08 23.18 -3.05
N VAL B 201 10.50 23.19 -4.32
CA VAL B 201 11.88 22.86 -4.62
C VAL B 201 12.84 23.80 -3.89
N VAL B 202 12.47 25.08 -3.86
CA VAL B 202 13.36 26.09 -3.33
C VAL B 202 13.43 25.96 -1.81
N LEU B 203 12.24 25.88 -1.18
CA LEU B 203 12.09 25.72 0.26
C LEU B 203 12.77 24.42 0.72
N TRP B 204 12.53 23.35 -0.06
CA TRP B 204 13.16 22.06 0.15
C TRP B 204 14.68 22.22 0.26
N GLY B 205 15.31 22.71 -0.81
CA GLY B 205 16.75 22.92 -0.88
C GLY B 205 17.31 23.79 0.25
N ALA B 206 16.61 24.92 0.52
CA ALA B 206 17.09 25.85 1.54
C ALA B 206 17.09 25.18 2.92
N ALA B 207 16.05 24.37 3.15
CA ALA B 207 15.85 23.78 4.46
C ALA B 207 16.86 22.66 4.67
N LEU B 208 17.08 21.84 3.63
CA LEU B 208 18.07 20.78 3.70
C LEU B 208 19.48 21.35 3.86
N GLY B 209 19.89 22.29 2.99
CA GLY B 209 21.16 23.00 3.14
C GLY B 209 21.40 23.46 4.58
N ALA B 210 20.46 24.26 5.10
CA ALA B 210 20.43 24.76 6.47
C ALA B 210 20.61 23.68 7.56
N LEU B 211 19.92 22.51 7.43
CA LEU B 211 19.85 21.51 8.49
C LEU B 211 21.17 20.73 8.56
N GLU B 212 21.76 20.49 7.38
CA GLU B 212 23.06 19.86 7.26
C GLU B 212 24.14 20.71 7.94
N GLU B 213 24.26 21.98 7.49
CA GLU B 213 25.21 22.97 7.99
C GLU B 213 25.08 23.08 9.50
N ALA B 214 23.86 22.88 10.01
CA ALA B 214 23.63 22.95 11.44
C ALA B 214 23.86 21.60 12.14
N ALA B 215 24.33 20.59 11.40
CA ALA B 215 24.61 19.29 11.99
C ALA B 215 23.36 18.65 12.61
N ALA B 216 22.18 18.88 12.01
CA ALA B 216 20.92 18.44 12.60
C ALA B 216 20.70 16.93 12.40
N LEU B 217 20.03 16.33 13.39
CA LEU B 217 19.57 14.95 13.34
C LEU B 217 18.10 14.97 12.91
N TYR B 218 17.80 14.64 11.64
CA TYR B 218 16.45 14.77 11.13
C TYR B 218 16.14 13.77 10.02
N HIS B 219 14.84 13.56 9.80
CA HIS B 219 14.29 13.17 8.51
C HIS B 219 13.50 14.36 7.97
N ALA B 220 13.09 14.33 6.69
CA ALA B 220 12.28 15.39 6.12
C ALA B 220 11.54 14.82 4.92
N LYS B 221 10.47 15.47 4.45
CA LYS B 221 9.81 15.06 3.22
C LYS B 221 9.10 16.27 2.59
N VAL B 222 8.78 16.14 1.31
CA VAL B 222 8.09 17.18 0.55
C VAL B 222 7.18 16.48 -0.46
N LEU B 223 5.96 17.04 -0.62
CA LEU B 223 5.01 16.60 -1.63
C LEU B 223 5.70 16.36 -2.96
N SER B 224 5.44 15.20 -3.58
CA SER B 224 6.02 14.85 -4.87
C SER B 224 4.93 14.77 -5.94
N ASP B 225 3.72 15.28 -5.62
CA ASP B 225 2.53 15.26 -6.47
C ASP B 225 2.11 16.71 -6.73
N PRO B 226 2.38 17.24 -7.93
CA PRO B 226 2.31 18.69 -8.16
C PRO B 226 0.88 19.20 -8.09
N GLN B 227 -0.08 18.30 -8.02
CA GLN B 227 -1.49 18.71 -8.09
C GLN B 227 -2.10 18.69 -6.70
N ASP B 228 -1.28 18.71 -5.66
CA ASP B 228 -1.80 18.66 -4.27
C ASP B 228 -1.22 19.83 -3.46
N PHE B 229 -0.46 20.70 -4.10
CA PHE B 229 -0.15 22.05 -3.58
C PHE B 229 -1.32 22.97 -3.91
N PRO B 230 -1.64 24.02 -3.11
CA PRO B 230 -0.92 24.31 -1.88
C PRO B 230 -1.29 23.39 -0.72
N ARG B 231 -0.35 23.15 0.19
CA ARG B 231 -0.63 22.49 1.48
C ARG B 231 0.28 23.09 2.56
N ARG B 232 -0.22 23.18 3.78
CA ARG B 232 0.55 23.79 4.90
C ARG B 232 1.65 22.82 5.34
N ASP B 233 1.53 21.56 4.96
CA ASP B 233 2.48 20.51 5.29
C ASP B 233 3.15 20.02 4.01
N ALA B 234 3.25 20.91 3.00
CA ALA B 234 3.88 20.56 1.74
C ALA B 234 5.31 20.12 2.00
N VAL B 235 5.97 20.74 2.99
CA VAL B 235 7.24 20.26 3.49
C VAL B 235 7.10 19.97 4.98
N VAL B 236 7.64 18.82 5.42
CA VAL B 236 7.67 18.49 6.84
C VAL B 236 9.10 18.08 7.20
N LEU B 237 9.64 18.69 8.26
CA LEU B 237 10.95 18.38 8.81
C LEU B 237 10.74 17.75 10.15
N TYR B 238 11.45 16.65 10.42
CA TYR B 238 11.41 15.98 11.71
C TYR B 238 12.77 16.10 12.40
N LEU B 239 12.85 16.98 13.41
CA LEU B 239 14.10 17.26 14.09
C LEU B 239 14.14 16.48 15.40
N HIS B 240 15.30 15.83 15.63
CA HIS B 240 15.57 15.02 16.79
C HIS B 240 16.75 15.62 17.55
N GLY B 241 17.10 14.98 18.67
CA GLY B 241 18.10 15.51 19.59
C GLY B 241 17.71 16.91 20.03
N ASP B 242 18.61 17.88 19.84
CA ASP B 242 18.34 19.25 20.20
C ASP B 242 17.96 19.99 18.93
N HIS B 243 16.70 20.42 18.88
CA HIS B 243 16.10 20.95 17.66
C HIS B 243 16.44 22.43 17.42
N ARG B 244 17.00 23.14 18.43
CA ARG B 244 17.07 24.60 18.43
C ARG B 244 17.99 25.06 17.30
N PRO B 245 19.23 24.54 17.21
CA PRO B 245 20.11 24.90 16.11
C PRO B 245 19.46 24.78 14.72
N GLY B 246 18.86 23.60 14.44
CA GLY B 246 18.28 23.31 13.13
C GLY B 246 17.04 24.14 12.82
N GLU B 247 16.20 24.35 13.84
CA GLU B 247 15.05 25.25 13.76
C GLU B 247 15.46 26.70 13.46
N ARG B 248 16.45 27.23 14.22
CA ARG B 248 16.97 28.57 14.00
C ARG B 248 17.51 28.67 12.57
N ALA B 249 18.32 27.67 12.17
CA ALA B 249 18.92 27.63 10.85
C ALA B 249 17.89 27.64 9.72
N VAL B 250 16.83 26.84 9.90
CA VAL B 250 15.79 26.69 8.91
C VAL B 250 14.98 27.99 8.84
N THR B 251 14.65 28.55 10.02
CA THR B 251 13.90 29.80 10.12
C THR B 251 14.66 30.94 9.43
N GLU B 252 15.98 31.04 9.70
CA GLU B 252 16.86 31.99 9.01
C GLU B 252 16.86 31.75 7.50
N ALA B 253 17.01 30.50 7.06
CA ALA B 253 17.12 30.19 5.65
C ALA B 253 15.81 30.46 4.88
N VAL B 254 14.63 30.35 5.53
CA VAL B 254 13.38 30.39 4.77
C VAL B 254 12.59 31.67 5.02
N SER B 255 12.89 32.43 6.08
CA SER B 255 12.20 33.69 6.32
C SER B 255 12.31 34.61 5.10
N ARG B 256 13.47 34.66 4.42
CA ARG B 256 13.55 35.24 3.08
C ARG B 256 12.24 35.02 2.31
N TYR B 257 11.73 33.78 2.21
CA TYR B 257 10.73 33.44 1.21
C TYR B 257 9.29 33.42 1.77
N ALA B 258 9.18 33.72 3.07
CA ALA B 258 8.06 33.37 3.91
C ALA B 258 6.85 34.29 3.69
N GLY B 259 5.91 33.90 2.80
CA GLY B 259 4.78 34.71 2.42
C GLY B 259 4.68 34.86 0.90
N THR B 260 5.80 34.62 0.21
CA THR B 260 5.85 34.62 -1.24
C THR B 260 5.77 33.18 -1.73
N LEU B 261 6.75 32.37 -1.28
CA LEU B 261 6.82 30.95 -1.57
C LEU B 261 5.92 30.14 -0.59
N THR B 262 5.70 30.65 0.63
CA THR B 262 4.78 30.04 1.58
C THR B 262 3.50 30.88 1.67
N GLY B 263 2.33 30.27 1.52
CA GLY B 263 1.08 30.92 1.93
C GLY B 263 1.19 31.31 3.40
N PRO B 264 0.51 32.37 3.91
CA PRO B 264 0.74 32.84 5.28
C PRO B 264 0.02 32.12 6.42
N ASP B 265 -1.09 31.44 6.10
CA ASP B 265 -1.87 30.72 7.10
C ASP B 265 -1.16 29.43 7.55
N THR B 266 -1.31 29.14 8.85
CA THR B 266 -0.87 27.88 9.44
C THR B 266 -1.95 27.22 10.31
N SER B 267 -1.70 25.99 10.72
CA SER B 267 -2.63 25.24 11.60
C SER B 267 -2.83 25.95 12.94
N VAL B 268 -4.04 25.88 13.48
CA VAL B 268 -4.37 26.50 14.79
C VAL B 268 -3.64 25.74 15.89
N PHE B 269 -3.26 24.50 15.61
CA PHE B 269 -2.65 23.66 16.67
C PHE B 269 -1.14 23.90 16.73
N THR B 270 -0.59 24.69 15.82
CA THR B 270 0.86 24.85 15.79
C THR B 270 1.28 26.24 16.25
N GLU B 271 2.55 26.33 16.66
CA GLU B 271 3.22 27.58 16.89
C GLU B 271 3.76 28.08 15.56
N GLU B 272 3.28 29.27 15.14
CA GLU B 272 3.80 29.97 13.98
C GLU B 272 5.22 30.45 14.31
N LEU B 273 6.16 30.26 13.35
CA LEU B 273 7.51 30.81 13.41
C LEU B 273 7.69 31.92 12.38
N ALA B 274 6.80 31.93 11.37
CA ALA B 274 6.79 32.95 10.35
C ALA B 274 5.61 32.65 9.43
N PRO B 275 5.13 33.58 8.58
CA PRO B 275 4.11 33.24 7.58
C PRO B 275 4.37 31.92 6.86
N GLY B 276 3.46 30.95 7.06
CA GLY B 276 3.53 29.63 6.44
C GLY B 276 4.63 28.72 6.99
N VAL B 277 5.11 28.99 8.20
CA VAL B 277 6.19 28.24 8.83
C VAL B 277 5.77 28.00 10.28
N ALA B 278 5.58 26.72 10.64
CA ALA B 278 4.88 26.36 11.85
C ALA B 278 5.57 25.15 12.45
N ALA B 279 5.36 24.91 13.74
CA ALA B 279 6.14 23.95 14.51
C ALA B 279 5.29 23.32 15.61
N ALA B 280 5.65 22.09 16.02
CA ALA B 280 4.94 21.32 17.04
C ALA B 280 5.81 20.14 17.40
N TRP B 281 5.32 19.27 18.30
CA TRP B 281 5.99 18.04 18.74
C TRP B 281 5.11 16.85 18.35
N ASP B 282 5.72 15.69 18.06
CA ASP B 282 4.95 14.48 17.78
C ASP B 282 4.16 14.15 19.04
N PRO B 283 2.90 13.71 18.87
CA PRO B 283 2.05 13.41 20.00
C PRO B 283 2.75 12.46 20.97
N GLN B 284 2.50 12.65 22.25
CA GLN B 284 3.10 11.77 23.28
C GLN B 284 1.97 11.29 24.17
N ASP B 285 0.98 10.59 23.59
CA ASP B 285 -0.20 10.15 24.37
C ASP B 285 0.17 8.91 25.18
N PRO B 286 0.13 8.98 26.52
CA PRO B 286 0.42 7.82 27.36
C PRO B 286 -0.83 6.95 27.54
N ARG B 287 -1.60 6.80 26.47
CA ARG B 287 -2.78 5.90 26.51
C ARG B 287 -2.53 4.80 25.47
N PRO B 288 -2.60 3.52 25.85
CA PRO B 288 -2.25 2.43 24.94
C PRO B 288 -2.90 2.50 23.54
N GLY B 289 -4.16 2.93 23.45
CA GLY B 289 -4.82 2.88 22.15
C GLY B 289 -4.32 3.93 21.19
N GLN B 290 -3.72 5.01 21.71
CA GLN B 290 -3.35 6.12 20.81
C GLN B 290 -1.93 5.94 20.26
N SER B 291 -1.79 5.76 18.94
CA SER B 291 -0.47 5.59 18.31
C SER B 291 -0.59 5.73 16.79
N GLY B 292 0.51 6.03 16.11
CA GLY B 292 0.48 6.10 14.63
C GLY B 292 -0.47 7.17 14.19
N MET B 293 -0.76 8.10 15.11
CA MET B 293 -1.64 9.22 14.77
C MET B 293 -0.76 10.43 14.48
N SER B 294 -0.95 11.06 13.37
CA SER B 294 -0.26 12.33 13.11
C SER B 294 -0.58 13.37 14.20
N PHE B 295 0.28 14.39 14.31
CA PHE B 295 0.04 15.51 15.18
C PHE B 295 -1.35 16.10 14.91
N GLY B 296 -1.62 16.38 13.65
CA GLY B 296 -2.85 17.06 13.30
C GLY B 296 -4.09 16.22 13.58
N GLN B 297 -4.01 14.91 13.30
CA GLN B 297 -5.15 14.02 13.46
C GLN B 297 -5.40 13.81 14.96
N HIS B 298 -4.32 13.63 15.74
CA HIS B 298 -4.35 13.53 17.20
C HIS B 298 -4.96 14.76 17.91
N ARG B 299 -4.56 15.97 17.51
CA ARG B 299 -5.07 17.14 18.17
C ARG B 299 -6.56 17.23 17.85
N ALA B 300 -6.93 16.94 16.58
CA ALA B 300 -8.31 17.09 16.13
C ALA B 300 -9.25 16.10 16.85
N PHE B 301 -8.75 14.88 17.08
CA PHE B 301 -9.45 13.79 17.74
C PHE B 301 -9.73 14.09 19.22
N ALA B 302 -8.71 14.59 19.92
CA ALA B 302 -8.83 15.11 21.28
C ALA B 302 -9.87 16.25 21.37
N LEU B 303 -9.75 17.19 20.46
CA LEU B 303 -10.71 18.29 20.37
C LEU B 303 -12.13 17.80 20.08
N ALA B 304 -12.29 16.91 19.07
CA ALA B 304 -13.57 16.30 18.75
C ALA B 304 -14.17 15.58 19.97
N SER B 305 -13.35 14.85 20.73
CA SER B 305 -13.82 14.09 21.89
C SER B 305 -14.41 15.02 22.96
N GLY B 306 -13.63 16.06 23.30
CA GLY B 306 -14.02 17.06 24.28
C GLY B 306 -15.30 17.77 23.87
N LEU B 307 -15.37 18.19 22.61
CA LEU B 307 -16.58 18.77 22.05
C LEU B 307 -17.77 17.80 22.12
N ILE B 308 -17.55 16.50 21.85
CA ILE B 308 -18.64 15.53 21.93
C ILE B 308 -19.04 15.35 23.40
N ASP B 309 -18.07 15.15 24.32
CA ASP B 309 -18.39 14.91 25.73
C ASP B 309 -19.23 16.08 26.25
N CYS B 310 -18.91 17.30 25.80
CA CYS B 310 -19.67 18.47 26.17
C CYS B 310 -21.13 18.28 25.72
N ALA B 311 -21.33 18.02 24.41
CA ALA B 311 -22.66 17.93 23.82
C ALA B 311 -23.50 16.83 24.49
N LEU B 312 -22.89 15.82 25.11
CA LEU B 312 -23.58 14.72 25.79
C LEU B 312 -23.94 15.00 27.27
N ALA B 313 -24.19 16.26 27.66
CA ALA B 313 -24.69 16.63 28.99
C ALA B 313 -26.02 17.41 28.91
N ASP B 314 -26.45 18.04 30.01
CA ASP B 314 -27.74 18.74 30.05
C ASP B 314 -28.84 17.71 30.33
N PRO B 346 -18.06 29.25 29.76
CA PRO B 346 -18.49 27.96 29.19
C PRO B 346 -17.80 26.80 29.91
N GLY B 347 -18.61 25.85 30.41
CA GLY B 347 -18.17 24.52 30.84
C GLY B 347 -17.81 23.66 29.61
N ARG B 348 -17.99 24.26 28.42
CA ARG B 348 -17.54 23.73 27.14
C ARG B 348 -16.01 23.75 27.00
N ALA B 349 -15.37 24.87 27.34
CA ALA B 349 -13.91 24.95 27.30
C ALA B 349 -13.29 23.96 28.28
N GLU B 350 -13.95 23.72 29.41
CA GLU B 350 -13.47 22.74 30.37
C GLU B 350 -13.49 21.33 29.77
N HIS B 351 -14.55 20.96 29.05
CA HIS B 351 -14.62 19.65 28.41
C HIS B 351 -13.48 19.51 27.40
N VAL B 352 -13.22 20.60 26.68
CA VAL B 352 -12.16 20.61 25.70
C VAL B 352 -10.79 20.51 26.35
N VAL B 353 -10.59 21.29 27.42
CA VAL B 353 -9.38 21.30 28.21
C VAL B 353 -9.13 19.91 28.80
N ARG B 354 -10.16 19.27 29.34
CA ARG B 354 -9.99 17.95 29.93
C ARG B 354 -9.51 16.94 28.86
N ALA B 355 -10.20 16.90 27.72
CA ALA B 355 -9.85 16.01 26.62
C ALA B 355 -8.41 16.24 26.15
N LEU B 356 -7.97 17.50 25.95
CA LEU B 356 -6.58 17.72 25.53
C LEU B 356 -5.61 17.14 26.55
N ARG B 357 -5.89 17.41 27.85
CA ARG B 357 -4.95 16.98 28.92
C ARG B 357 -4.91 15.46 28.98
N GLU B 358 -6.04 14.82 28.92
CA GLU B 358 -6.08 13.36 28.89
C GLU B 358 -5.31 12.76 27.71
N ALA B 359 -5.28 13.46 26.57
CA ALA B 359 -4.51 13.02 25.40
C ALA B 359 -3.04 13.42 25.49
N GLY B 360 -2.64 14.09 26.57
CA GLY B 360 -1.22 14.51 26.73
C GLY B 360 -0.89 15.85 26.12
N ILE B 361 -1.89 16.60 25.67
CA ILE B 361 -1.65 17.91 25.01
C ILE B 361 -1.75 19.04 26.04
N ASP B 362 -0.84 20.03 25.98
CA ASP B 362 -0.93 21.21 26.87
C ASP B 362 -1.97 22.15 26.30
N PRO B 363 -3.14 22.31 26.95
CA PRO B 363 -4.20 23.13 26.40
C PRO B 363 -3.85 24.61 26.23
N LEU B 364 -2.85 25.09 26.99
CA LEU B 364 -2.32 26.46 26.79
C LEU B 364 -1.37 26.57 25.59
N HIS B 365 -0.67 25.48 25.26
CA HIS B 365 0.28 25.44 24.14
C HIS B 365 0.12 24.08 23.46
N PRO B 366 -0.94 23.84 22.65
CA PRO B 366 -1.25 22.51 22.13
C PRO B 366 -0.26 21.91 21.13
N GLN B 367 0.57 22.76 20.54
CA GLN B 367 1.77 22.35 19.82
C GLN B 367 2.73 21.60 20.75
N ASN B 368 2.51 21.60 22.08
CA ASN B 368 3.40 20.90 23.03
C ASN B 368 2.65 19.84 23.84
N ASN B 369 3.43 18.92 24.44
CA ASN B 369 2.87 17.87 25.29
C ASN B 369 3.23 18.21 26.74
N LEU B 370 2.52 17.58 27.69
CA LEU B 370 2.73 17.74 29.12
C LEU B 370 3.91 16.87 29.61
N ASP B 371 4.69 17.39 30.57
CA ASP B 371 5.92 16.73 31.01
C ASP B 371 5.54 15.55 31.93
#